data_4LWZ
#
_entry.id   4LWZ
#
_cell.length_a   67.680
_cell.length_b   143.140
_cell.length_c   162.640
_cell.angle_alpha   90.00
_cell.angle_beta   90.00
_cell.angle_gamma   90.00
#
_symmetry.space_group_name_H-M   'P 21 21 21'
#
loop_
_entity.id
_entity.type
_entity.pdbx_description
1 polymer 'Ras-related protein Rab-11A'
2 polymer 'Unconventional myosin-Vb'
3 non-polymer "GUANOSINE-5'-DIPHOSPHATE"
4 non-polymer 'MAGNESIUM ION'
5 water water
#
loop_
_entity_poly.entity_id
_entity_poly.type
_entity_poly.pdbx_seq_one_letter_code
_entity_poly.pdbx_strand_id
1 'polypeptide(L)'
;MGTRDDEYDYLFKVVLIGDSGVGKSNLLSRFTRNEFNLESKSTIGVEFATRSIQVDGKTIKAQIWDTAGQERYRAITSAY
YRGAVGALLVYDIAKHLTYENVERWLKELRDHADSNIVIMLVGNKSDLRHLRAVPTDEARAFAEKNGLSFIETSALDSTN
VEAAFQTILTEIYRIVS
;
A,C
2 'polypeptide(L)'
;MRSETMSYYHHHHHHDYDIPTTENLYFQGAMGSMQVTVQRKEKDFQGMLEYHKEDEALLIRNLVTDLKPQMLSGTVPCLP
AYILYMCIRHADYTNDDLKVHSLLTSTINGIKKVLKKHNDDFEMTSFWLSNTCRLLHCLKQYSGDEGFMTQNTAKQNEHC
LKNFDLTEYRQVLSDLSIQIYQQLIKIAEGVLQPMIVSAMLENESIQGLSGVKPTGYRKRSSSMADGDNSYCLEAIIRQM
NAFHTVMCDQGLDPEIILQVFKQLFYMINAVTLNNLLLRKDVCSWSTGMQLRYNISQLEEWLRGRNLHQSGAVQTMEPLI
QAAQLLQLKKKTQEDAEAICSLCTSLSTQQIVKILNLYTPLNEFEERVTVAFIRTIQAQLQERNDPQQLLLDAKHMFPVL
FPFNPSSLTMDSIHIPACLNLEFLNEV
;
B,D
#
loop_
_chem_comp.id
_chem_comp.type
_chem_comp.name
_chem_comp.formula
GDP RNA linking GUANOSINE-5'-DIPHOSPHATE 'C10 H15 N5 O11 P2'
MG non-polymer 'MAGNESIUM ION' 'Mg 2'
#
# COMPACT_ATOMS: atom_id res chain seq x y z
N GLU A 7 1.60 14.68 22.61
CA GLU A 7 0.70 13.77 21.91
C GLU A 7 0.95 12.33 22.31
N TYR A 8 2.11 12.07 22.91
CA TYR A 8 2.47 10.74 23.39
C TYR A 8 2.85 10.81 24.87
N ASP A 9 3.08 9.65 25.48
CA ASP A 9 3.37 9.57 26.92
C ASP A 9 4.81 9.13 27.20
N TYR A 10 5.35 8.28 26.33
CA TYR A 10 6.73 7.81 26.41
C TYR A 10 7.30 7.79 25.00
N LEU A 11 8.57 8.14 24.82
CA LEU A 11 9.21 8.02 23.52
C LEU A 11 10.40 7.08 23.61
N PHE A 12 10.40 6.01 22.81
CA PHE A 12 11.46 5.03 22.86
C PHE A 12 12.33 5.05 21.64
N LYS A 13 13.62 5.31 21.83
CA LYS A 13 14.56 5.20 20.72
C LYS A 13 14.87 3.72 20.49
N VAL A 14 14.67 3.25 19.26
CA VAL A 14 15.00 1.88 18.88
C VAL A 14 15.86 1.91 17.62
N VAL A 15 16.94 1.13 17.58
CA VAL A 15 17.89 1.20 16.47
C VAL A 15 17.95 -0.08 15.63
N LEU A 16 18.24 0.08 14.35
CA LEU A 16 18.36 -1.05 13.43
C LEU A 16 19.83 -1.30 13.12
N ILE A 17 20.29 -2.55 13.22
CA ILE A 17 21.68 -2.85 12.85
C ILE A 17 21.81 -4.18 12.11
N GLY A 18 22.82 -4.26 11.24
CA GLY A 18 23.06 -5.46 10.47
C GLY A 18 23.69 -5.13 9.13
N ASP A 19 24.24 -6.13 8.45
CA ASP A 19 24.87 -5.92 7.16
C ASP A 19 23.95 -5.11 6.24
N SER A 20 24.55 -4.42 5.27
CA SER A 20 23.78 -3.82 4.20
C SER A 20 23.11 -4.88 3.33
N GLY A 21 21.91 -4.57 2.85
CA GLY A 21 21.18 -5.50 1.99
C GLY A 21 20.38 -6.59 2.69
N VAL A 22 20.21 -6.50 4.00
CA VAL A 22 19.46 -7.52 4.72
C VAL A 22 18.04 -7.09 4.97
N GLY A 23 17.76 -5.80 4.75
CA GLY A 23 16.39 -5.26 4.74
C GLY A 23 15.97 -4.37 5.91
N LYS A 24 16.93 -3.72 6.57
CA LYS A 24 16.62 -2.80 7.66
C LYS A 24 15.62 -1.68 7.22
N SER A 25 15.89 -1.08 6.07
CA SER A 25 15.12 0.08 5.62
C SER A 25 13.70 -0.32 5.21
N ASN A 26 13.58 -1.41 4.47
CA ASN A 26 12.27 -1.98 4.23
C ASN A 26 11.53 -2.49 5.49
N LEU A 27 12.24 -2.96 6.50
CA LEU A 27 11.57 -3.31 7.75
C LEU A 27 11.02 -2.02 8.36
N LEU A 28 11.73 -0.92 8.19
CA LEU A 28 11.32 0.36 8.78
C LEU A 28 10.13 0.91 8.03
N SER A 29 10.21 0.84 6.70
CA SER A 29 9.17 1.39 5.87
C SER A 29 7.91 0.51 5.94
N ARG A 30 8.06 -0.78 6.23
CA ARG A 30 6.90 -1.65 6.33
C ARG A 30 6.16 -1.41 7.65
N PHE A 31 6.92 -1.22 8.72
CA PHE A 31 6.34 -0.94 10.03
C PHE A 31 5.72 0.45 10.15
N THR A 32 6.43 1.48 9.66
CA THR A 32 5.96 2.85 9.90
C THR A 32 4.93 3.34 8.89
N ARG A 33 5.03 2.93 7.63
CA ARG A 33 4.07 3.37 6.61
C ARG A 33 3.53 2.25 5.71
N ASN A 34 3.80 1.00 6.08
CA ASN A 34 3.24 -0.14 5.38
C ASN A 34 3.65 -0.22 3.91
N GLU A 35 4.84 0.29 3.59
CA GLU A 35 5.33 0.25 2.23
C GLU A 35 6.58 -0.61 2.13
N PHE A 36 6.82 -1.11 0.93
CA PHE A 36 7.96 -1.97 0.65
C PHE A 36 8.45 -1.73 -0.78
N ASN A 37 9.76 -1.62 -0.96
CA ASN A 37 10.34 -1.47 -2.29
C ASN A 37 11.33 -2.58 -2.63
N LEU A 38 11.12 -3.19 -3.79
CA LEU A 38 12.05 -4.14 -4.37
C LEU A 38 13.30 -3.41 -4.86
N GLU A 39 13.16 -2.12 -5.16
CA GLU A 39 14.28 -1.32 -5.60
C GLU A 39 14.98 -0.73 -4.40
N SER A 40 16.07 -1.37 -3.99
CA SER A 40 16.85 -0.94 -2.82
C SER A 40 17.38 0.49 -2.99
N LYS A 41 16.88 1.42 -2.17
CA LYS A 41 17.40 2.78 -2.14
C LYS A 41 18.37 2.96 -0.97
N SER A 42 19.59 3.42 -1.26
CA SER A 42 20.65 3.56 -0.28
C SER A 42 20.25 4.36 0.96
N THR A 43 20.62 3.86 2.14
CA THR A 43 20.53 4.67 3.35
C THR A 43 21.79 5.53 3.36
N ILE A 44 21.66 6.78 3.79
CA ILE A 44 22.77 7.73 3.75
C ILE A 44 22.78 8.45 5.08
N GLY A 45 23.90 8.37 5.79
CA GLY A 45 23.95 8.85 7.15
C GLY A 45 22.95 8.10 8.02
N VAL A 46 22.45 8.76 9.06
CA VAL A 46 21.36 8.20 9.85
C VAL A 46 20.02 8.64 9.26
N GLU A 47 19.09 7.70 9.11
CA GLU A 47 17.72 8.01 8.72
C GLU A 47 16.77 7.70 9.87
N PHE A 48 15.59 8.31 9.83
CA PHE A 48 14.62 8.10 10.87
C PHE A 48 13.21 7.81 10.37
N ALA A 49 12.37 7.38 11.31
CA ALA A 49 10.94 7.18 11.08
C ALA A 49 10.32 6.90 12.43
N THR A 50 9.08 7.37 12.61
CA THR A 50 8.39 7.15 13.86
C THR A 50 6.98 6.63 13.63
N ARG A 51 6.38 6.16 14.71
CA ARG A 51 5.03 5.65 14.66
C ARG A 51 4.54 5.54 16.09
N SER A 52 3.34 6.02 16.35
CA SER A 52 2.77 5.90 17.68
C SER A 52 2.11 4.54 17.82
N ILE A 53 2.56 3.76 18.80
CA ILE A 53 2.00 2.44 19.08
C ILE A 53 1.34 2.43 20.45
N GLN A 54 0.33 1.57 20.63
CA GLN A 54 -0.33 1.45 21.92
C GLN A 54 0.22 0.30 22.77
N VAL A 55 0.58 0.62 24.00
CA VAL A 55 1.13 -0.34 24.96
C VAL A 55 0.44 -0.10 26.31
N ASP A 56 -0.30 -1.10 26.79
CA ASP A 56 -1.10 -0.90 27.98
C ASP A 56 -2.18 0.11 27.60
N GLY A 57 -2.42 1.11 28.43
CA GLY A 57 -3.25 2.22 28.05
C GLY A 57 -2.39 3.41 27.66
N LYS A 58 -1.12 3.13 27.39
CA LYS A 58 -0.11 4.16 27.18
C LYS A 58 0.21 4.37 25.70
N THR A 59 0.50 5.62 25.34
CA THR A 59 0.84 5.97 23.98
C THR A 59 2.35 6.10 23.81
N ILE A 60 2.97 5.14 23.13
CA ILE A 60 4.42 5.15 22.95
C ILE A 60 4.79 5.53 21.52
N LYS A 61 5.66 6.53 21.38
CA LYS A 61 6.16 6.91 20.07
C LYS A 61 7.46 6.18 19.76
N ALA A 62 7.36 5.14 18.95
CA ALA A 62 8.51 4.40 18.50
C ALA A 62 9.37 5.24 17.54
N GLN A 63 10.55 5.66 18.00
CA GLN A 63 11.48 6.41 17.15
C GLN A 63 12.58 5.50 16.62
N ILE A 64 12.40 4.97 15.41
CA ILE A 64 13.32 3.98 14.84
C ILE A 64 14.43 4.64 14.03
N TRP A 65 15.68 4.34 14.41
CA TRP A 65 16.86 4.84 13.70
C TRP A 65 17.37 3.81 12.69
N ASP A 66 17.91 4.29 11.57
CA ASP A 66 18.39 3.41 10.49
C ASP A 66 19.73 3.93 9.98
N THR A 67 20.49 3.10 9.24
CA THR A 67 21.84 3.50 8.87
C THR A 67 22.46 2.82 7.66
N ALA A 68 23.33 3.56 6.98
CA ALA A 68 24.16 3.01 5.90
C ALA A 68 25.11 1.95 6.46
N ARG A 74 32.94 8.10 13.11
CA ARG A 74 33.09 7.26 14.31
C ARG A 74 32.40 7.88 15.54
N ALA A 75 32.51 9.19 15.71
CA ALA A 75 31.82 9.87 16.81
C ALA A 75 30.34 9.60 16.66
N ILE A 76 29.88 9.57 15.40
CA ILE A 76 28.49 9.30 15.04
C ILE A 76 28.02 7.98 15.59
N THR A 77 28.91 7.00 15.61
CA THR A 77 28.57 5.65 16.02
C THR A 77 28.08 5.61 17.47
N SER A 78 28.57 6.51 18.29
CA SER A 78 28.14 6.57 19.69
C SER A 78 26.83 7.33 19.85
N ALA A 79 26.64 8.36 19.04
CA ALA A 79 25.41 9.13 19.05
C ALA A 79 24.28 8.25 18.56
N TYR A 80 24.64 7.31 17.69
CA TYR A 80 23.69 6.33 17.17
C TYR A 80 23.17 5.35 18.23
N TYR A 81 24.05 4.88 19.13
CA TYR A 81 23.61 3.92 20.15
C TYR A 81 23.20 4.62 21.45
N ARG A 82 23.79 5.78 21.73
CA ARG A 82 23.51 6.45 23.00
C ARG A 82 22.00 6.70 23.10
N GLY A 83 21.44 6.33 24.23
CA GLY A 83 20.03 6.59 24.52
C GLY A 83 19.11 5.48 24.05
N ALA A 84 19.58 4.68 23.10
CA ALA A 84 18.76 3.61 22.55
C ALA A 84 18.37 2.65 23.66
N VAL A 85 17.07 2.39 23.75
CA VAL A 85 16.53 1.50 24.77
C VAL A 85 16.16 0.15 24.13
N GLY A 86 16.25 0.09 22.80
CA GLY A 86 15.95 -1.13 22.07
C GLY A 86 16.74 -1.20 20.77
N ALA A 87 16.95 -2.41 20.26
CA ALA A 87 17.60 -2.56 18.97
C ALA A 87 17.13 -3.81 18.25
N LEU A 88 17.01 -3.70 16.94
CA LEU A 88 16.74 -4.86 16.11
C LEU A 88 18.02 -5.17 15.39
N LEU A 89 18.52 -6.37 15.64
CA LEU A 89 19.72 -6.84 15.00
C LEU A 89 19.27 -7.75 13.88
N VAL A 90 19.53 -7.37 12.64
CA VAL A 90 18.92 -8.02 11.49
C VAL A 90 19.95 -8.71 10.60
N TYR A 91 19.59 -9.89 10.08
CA TYR A 91 20.37 -10.58 9.05
C TYR A 91 19.38 -11.09 7.99
N ASP A 92 19.91 -11.74 6.96
CA ASP A 92 19.13 -12.19 5.82
C ASP A 92 19.19 -13.71 5.80
N ILE A 93 18.06 -14.37 6.05
CA ILE A 93 18.06 -15.83 6.18
C ILE A 93 18.56 -16.52 4.91
N ALA A 94 18.67 -15.77 3.83
CA ALA A 94 19.10 -16.32 2.53
C ALA A 94 20.58 -16.08 2.26
N LYS A 95 21.27 -15.42 3.19
CA LYS A 95 22.66 -15.05 2.96
C LYS A 95 23.49 -15.32 4.23
N HIS A 96 24.16 -16.47 4.27
CA HIS A 96 24.76 -16.92 5.53
C HIS A 96 25.81 -15.94 6.06
N LEU A 97 26.49 -15.24 5.16
CA LEU A 97 27.46 -14.24 5.60
C LEU A 97 26.81 -13.18 6.52
N THR A 98 25.59 -12.74 6.24
CA THR A 98 25.03 -11.66 7.06
C THR A 98 24.72 -12.16 8.46
N TYR A 99 24.64 -13.47 8.60
CA TYR A 99 24.40 -14.08 9.89
C TYR A 99 25.71 -14.29 10.67
N GLU A 100 26.78 -14.65 9.97
CA GLU A 100 28.08 -14.77 10.64
C GLU A 100 28.46 -13.44 11.22
N ASN A 101 28.04 -12.37 10.58
CA ASN A 101 28.45 -11.05 11.02
C ASN A 101 27.71 -10.59 12.27
N VAL A 102 26.64 -11.31 12.62
CA VAL A 102 25.86 -10.90 13.77
C VAL A 102 26.72 -10.74 15.03
N GLU A 103 27.72 -11.60 15.21
CA GLU A 103 28.62 -11.51 16.35
C GLU A 103 29.34 -10.16 16.43
N ARG A 104 29.82 -9.68 15.29
CA ARG A 104 30.47 -8.38 15.24
C ARG A 104 29.50 -7.26 15.63
N TRP A 105 28.31 -7.23 15.02
CA TRP A 105 27.29 -6.24 15.36
C TRP A 105 26.92 -6.30 16.85
N LEU A 106 26.85 -7.51 17.40
CA LEU A 106 26.65 -7.68 18.83
C LEU A 106 27.75 -7.00 19.65
N LYS A 107 28.99 -7.11 19.20
CA LYS A 107 30.09 -6.48 19.93
C LYS A 107 29.99 -4.96 19.80
N GLU A 108 29.68 -4.46 18.60
CA GLU A 108 29.59 -3.02 18.40
C GLU A 108 28.49 -2.45 19.28
N LEU A 109 27.37 -3.16 19.35
CA LEU A 109 26.25 -2.76 20.20
C LEU A 109 26.70 -2.68 21.68
N ARG A 110 27.20 -3.80 22.21
CA ARG A 110 27.52 -3.89 23.63
C ARG A 110 28.62 -2.91 24.05
N ASP A 111 29.39 -2.42 23.09
CA ASP A 111 30.41 -1.40 23.35
C ASP A 111 29.81 -0.01 23.55
N HIS A 112 28.74 0.30 22.83
CA HIS A 112 28.24 1.68 22.78
C HIS A 112 26.89 1.89 23.49
N ALA A 113 26.10 0.84 23.59
CA ALA A 113 24.74 0.98 24.15
C ALA A 113 24.70 0.68 25.64
N ASP A 114 23.59 1.04 26.26
CA ASP A 114 23.39 0.77 27.69
C ASP A 114 23.21 -0.73 27.94
N SER A 115 23.83 -1.22 29.01
CA SER A 115 23.74 -2.64 29.33
C SER A 115 22.28 -3.09 29.34
N ASN A 116 21.38 -2.17 29.68
CA ASN A 116 19.98 -2.51 29.87
C ASN A 116 19.16 -2.49 28.59
N ILE A 117 19.83 -2.40 27.45
CA ILE A 117 19.14 -2.32 26.17
C ILE A 117 18.48 -3.66 25.82
N VAL A 118 17.25 -3.61 25.31
CA VAL A 118 16.55 -4.81 24.87
C VAL A 118 16.89 -5.09 23.42
N ILE A 119 17.36 -6.31 23.14
CA ILE A 119 17.90 -6.62 21.81
C ILE A 119 17.17 -7.78 21.16
N MET A 120 16.85 -7.63 19.88
CA MET A 120 16.10 -8.64 19.18
C MET A 120 16.77 -9.05 17.89
N LEU A 121 17.20 -10.30 17.85
CA LEU A 121 17.74 -10.89 16.63
C LEU A 121 16.56 -11.09 15.67
N VAL A 122 16.75 -10.71 14.41
CA VAL A 122 15.69 -10.75 13.41
C VAL A 122 16.23 -11.34 12.12
N GLY A 123 15.74 -12.52 11.75
CA GLY A 123 16.09 -13.10 10.47
C GLY A 123 15.07 -12.66 9.43
N ASN A 124 15.50 -11.78 8.53
CA ASN A 124 14.60 -11.19 7.57
C ASN A 124 14.58 -11.97 6.28
N LYS A 125 13.58 -11.68 5.46
CA LYS A 125 13.41 -12.29 4.14
C LYS A 125 13.00 -13.74 4.27
N SER A 126 12.10 -13.99 5.22
CA SER A 126 11.60 -15.34 5.42
C SER A 126 10.77 -15.81 4.24
N ASP A 127 10.37 -14.91 3.36
CA ASP A 127 9.65 -15.34 2.16
C ASP A 127 10.58 -16.15 1.27
N LEU A 128 11.89 -15.90 1.38
CA LEU A 128 12.87 -16.60 0.56
C LEU A 128 13.13 -18.02 1.10
N ARG A 129 12.05 -18.78 1.33
CA ARG A 129 12.18 -20.12 1.94
C ARG A 129 13.00 -21.06 1.08
N HIS A 130 12.83 -20.95 -0.24
CA HIS A 130 13.51 -21.83 -1.18
C HIS A 130 14.99 -21.54 -1.31
N LEU A 131 15.43 -20.42 -0.73
CA LEU A 131 16.84 -20.03 -0.81
C LEU A 131 17.53 -20.06 0.56
N ARG A 132 16.87 -20.64 1.56
CA ARG A 132 17.26 -20.45 2.94
C ARG A 132 18.70 -20.94 3.22
N ALA A 133 19.48 -20.09 3.89
CA ALA A 133 20.87 -20.39 4.15
C ALA A 133 21.13 -20.57 5.63
N VAL A 134 20.24 -20.03 6.48
CA VAL A 134 20.42 -20.06 7.91
C VAL A 134 19.26 -20.74 8.56
N PRO A 135 19.44 -22.00 8.98
CA PRO A 135 18.30 -22.68 9.61
C PRO A 135 17.85 -21.96 10.86
N THR A 136 16.54 -21.81 10.98
CA THR A 136 15.91 -21.19 12.14
C THR A 136 16.49 -21.68 13.46
N ASP A 137 16.66 -23.00 13.62
CA ASP A 137 17.08 -23.55 14.92
C ASP A 137 18.44 -23.02 15.37
N GLU A 138 19.41 -22.96 14.47
CA GLU A 138 20.70 -22.42 14.79
C GLU A 138 20.57 -20.98 15.32
N ALA A 139 19.80 -20.14 14.61
CA ALA A 139 19.65 -18.74 14.97
C ALA A 139 18.87 -18.56 16.25
N ARG A 140 17.88 -19.42 16.46
CA ARG A 140 17.13 -19.42 17.71
C ARG A 140 18.07 -19.74 18.87
N ALA A 141 18.93 -20.73 18.67
CA ALA A 141 19.87 -21.15 19.71
C ALA A 141 20.79 -19.99 20.05
N PHE A 142 21.36 -19.39 19.01
CA PHE A 142 22.32 -18.30 19.20
C PHE A 142 21.70 -17.21 20.07
N ALA A 143 20.52 -16.76 19.69
CA ALA A 143 19.76 -15.77 20.45
C ALA A 143 19.55 -16.16 21.91
N GLU A 144 19.05 -17.36 22.15
CA GLU A 144 18.85 -17.82 23.52
C GLU A 144 20.17 -17.73 24.30
N LYS A 145 21.25 -18.17 23.66
CA LYS A 145 22.56 -18.24 24.29
C LYS A 145 23.02 -16.85 24.73
N ASN A 146 22.82 -15.85 23.87
CA ASN A 146 23.30 -14.50 24.14
C ASN A 146 22.22 -13.57 24.71
N GLY A 147 21.11 -14.14 25.17
CA GLY A 147 20.05 -13.37 25.80
C GLY A 147 19.27 -12.44 24.88
N LEU A 148 19.18 -12.81 23.60
CA LEU A 148 18.46 -12.01 22.62
C LEU A 148 17.11 -12.63 22.32
N SER A 149 16.09 -11.78 22.13
CA SER A 149 14.82 -12.24 21.60
C SER A 149 15.01 -12.57 20.12
N PHE A 150 14.21 -13.48 19.57
CA PHE A 150 14.40 -13.91 18.18
C PHE A 150 13.08 -13.99 17.39
N ILE A 151 13.14 -13.65 16.09
CA ILE A 151 11.96 -13.74 15.22
C ILE A 151 12.34 -13.70 13.74
N GLU A 152 11.59 -14.41 12.90
CA GLU A 152 11.83 -14.36 11.46
C GLU A 152 10.74 -13.53 10.77
N THR A 153 11.16 -12.53 10.01
CA THR A 153 10.25 -11.58 9.41
C THR A 153 10.38 -11.61 7.91
N SER A 154 9.35 -11.13 7.22
CA SER A 154 9.49 -10.78 5.83
C SER A 154 8.99 -9.37 5.61
N ALA A 155 9.89 -8.43 5.31
CA ALA A 155 9.42 -7.09 5.01
C ALA A 155 8.54 -7.12 3.76
N LEU A 156 8.93 -7.98 2.80
CA LEU A 156 8.24 -8.11 1.53
C LEU A 156 6.75 -8.56 1.60
N ASP A 157 6.47 -9.69 2.23
CA ASP A 157 5.08 -10.09 2.43
C ASP A 157 4.53 -9.67 3.81
N SER A 158 5.37 -8.97 4.57
CA SER A 158 4.98 -8.37 5.86
C SER A 158 4.85 -9.35 7.08
N THR A 159 4.98 -10.65 6.84
CA THR A 159 4.88 -11.61 7.94
C THR A 159 5.73 -11.20 9.15
N ASN A 160 5.08 -11.02 10.29
CA ASN A 160 5.79 -10.83 11.54
C ASN A 160 6.46 -9.47 11.76
N VAL A 161 6.37 -8.56 10.81
CA VAL A 161 7.00 -7.26 11.00
C VAL A 161 6.31 -6.52 12.15
N GLU A 162 4.97 -6.53 12.14
CA GLU A 162 4.22 -5.87 13.20
C GLU A 162 4.57 -6.46 14.55
N ALA A 163 4.49 -7.79 14.65
CA ALA A 163 4.86 -8.51 15.87
C ALA A 163 6.30 -8.21 16.38
N ALA A 164 7.27 -8.08 15.45
CA ALA A 164 8.65 -7.79 15.83
C ALA A 164 8.76 -6.51 16.64
N PHE A 165 8.35 -5.40 16.03
CA PHE A 165 8.37 -4.09 16.71
C PHE A 165 7.43 -4.08 17.92
N GLN A 166 6.27 -4.69 17.78
CA GLN A 166 5.32 -4.75 18.88
C GLN A 166 5.98 -5.46 20.04
N THR A 167 6.54 -6.63 19.77
CA THR A 167 7.21 -7.41 20.80
C THR A 167 8.33 -6.61 21.47
N ILE A 168 9.25 -6.05 20.70
CA ILE A 168 10.40 -5.40 21.33
C ILE A 168 9.97 -4.16 22.11
N LEU A 169 8.98 -3.42 21.59
CA LEU A 169 8.43 -2.28 22.32
C LEU A 169 7.69 -2.70 23.60
N THR A 170 7.09 -3.89 23.61
CA THR A 170 6.38 -4.35 24.81
C THR A 170 7.35 -4.79 25.91
N GLU A 171 8.53 -5.27 25.51
CA GLU A 171 9.54 -5.71 26.48
C GLU A 171 10.32 -4.53 27.07
N ILE A 172 10.23 -3.37 26.43
CA ILE A 172 10.83 -2.15 26.98
C ILE A 172 9.91 -1.50 28.01
N TYR A 173 8.60 -1.66 27.83
CA TYR A 173 7.55 -1.19 28.76
C TYR A 173 7.00 0.19 28.43
N VAL B 36 -54.86 43.88 -22.34
CA VAL B 36 -54.74 45.16 -21.66
C VAL B 36 -53.73 45.10 -20.52
N THR B 37 -53.15 43.92 -20.28
CA THR B 37 -52.08 43.77 -19.28
C THR B 37 -51.30 42.45 -19.44
N VAL B 38 -49.97 42.55 -19.56
CA VAL B 38 -49.11 41.37 -19.76
C VAL B 38 -48.93 40.53 -18.49
N GLN B 39 -49.79 39.53 -18.31
CA GLN B 39 -49.73 38.67 -17.13
C GLN B 39 -48.48 37.80 -17.13
N ARG B 40 -48.21 37.12 -16.02
CA ARG B 40 -47.01 36.32 -15.86
C ARG B 40 -47.31 34.83 -15.70
N LYS B 41 -46.48 33.98 -16.29
CA LYS B 41 -46.74 32.54 -16.26
C LYS B 41 -46.21 31.94 -14.96
N GLU B 42 -47.00 31.05 -14.35
CA GLU B 42 -46.63 30.47 -13.06
C GLU B 42 -45.76 29.22 -13.24
N LYS B 43 -44.67 29.11 -12.49
CA LYS B 43 -43.83 27.91 -12.57
C LYS B 43 -43.00 27.75 -11.32
N ASP B 44 -42.51 26.53 -11.08
CA ASP B 44 -41.75 26.25 -9.88
C ASP B 44 -40.35 26.86 -9.93
N PHE B 45 -39.77 27.04 -8.75
CA PHE B 45 -38.43 27.59 -8.61
C PHE B 45 -37.45 26.98 -9.60
N GLN B 46 -36.77 27.83 -10.36
CA GLN B 46 -35.90 27.35 -11.43
C GLN B 46 -34.43 27.51 -11.08
N GLY B 47 -34.14 28.01 -9.89
CA GLY B 47 -32.77 28.15 -9.44
C GLY B 47 -32.16 29.47 -9.85
N MET B 48 -32.99 30.51 -9.99
CA MET B 48 -32.47 31.84 -10.28
C MET B 48 -32.79 32.79 -9.14
N LEU B 49 -31.97 33.82 -8.98
CA LEU B 49 -32.23 34.88 -8.01
C LEU B 49 -32.38 36.25 -8.70
N GLU B 50 -33.40 36.98 -8.32
CA GLU B 50 -33.70 38.27 -8.92
C GLU B 50 -33.57 39.38 -7.89
N TYR B 51 -32.88 40.46 -8.26
CA TYR B 51 -32.96 41.69 -7.49
C TYR B 51 -33.21 42.87 -8.42
N HIS B 52 -33.90 43.91 -7.94
CA HIS B 52 -34.14 45.12 -8.73
C HIS B 52 -32.85 45.94 -8.70
N LYS B 53 -32.53 46.58 -9.82
CA LYS B 53 -31.23 47.27 -9.97
C LYS B 53 -30.89 48.23 -8.83
N GLU B 54 -31.89 48.62 -8.05
CA GLU B 54 -31.71 49.55 -6.94
C GLU B 54 -30.95 48.93 -5.76
N ASP B 55 -31.07 47.62 -5.60
CA ASP B 55 -30.54 46.95 -4.40
C ASP B 55 -29.15 46.33 -4.64
N GLU B 56 -28.56 46.58 -5.79
CA GLU B 56 -27.29 45.92 -6.12
C GLU B 56 -26.19 46.24 -5.11
N ALA B 57 -26.20 47.46 -4.56
CA ALA B 57 -25.21 47.86 -3.57
C ALA B 57 -25.36 47.02 -2.30
N LEU B 58 -26.60 46.88 -1.83
CA LEU B 58 -26.88 46.13 -0.60
C LEU B 58 -26.50 44.65 -0.78
N LEU B 59 -26.85 44.08 -1.93
CA LEU B 59 -26.48 42.71 -2.23
C LEU B 59 -24.99 42.55 -1.98
N ILE B 60 -24.21 43.39 -2.63
CA ILE B 60 -22.76 43.33 -2.51
C ILE B 60 -22.32 43.47 -1.04
N ARG B 61 -23.00 44.33 -0.28
CA ARG B 61 -22.61 44.57 1.10
C ARG B 61 -22.86 43.35 1.99
N ASN B 62 -24.02 42.74 1.86
CA ASN B 62 -24.40 41.64 2.76
C ASN B 62 -23.82 40.29 2.33
N LEU B 63 -23.45 40.18 1.06
CA LEU B 63 -22.98 38.93 0.50
C LEU B 63 -21.45 38.91 0.33
N VAL B 64 -20.84 40.10 0.22
CA VAL B 64 -19.39 40.19 0.07
C VAL B 64 -18.75 40.98 1.20
N THR B 65 -18.86 42.29 1.14
CA THR B 65 -18.14 43.17 2.04
C THR B 65 -18.27 42.84 3.52
N ASP B 66 -19.50 42.60 3.99
CA ASP B 66 -19.75 42.38 5.41
C ASP B 66 -19.84 40.89 5.77
N LEU B 67 -19.61 40.03 4.79
CA LEU B 67 -19.75 38.60 5.03
C LEU B 67 -18.51 38.02 5.72
N LYS B 68 -18.66 37.71 7.01
CA LYS B 68 -17.62 37.01 7.74
C LYS B 68 -17.73 35.51 7.47
N PRO B 69 -16.59 34.86 7.17
CA PRO B 69 -16.58 33.42 6.86
C PRO B 69 -17.36 32.58 7.89
N GLN B 70 -17.21 32.90 9.16
CA GLN B 70 -17.82 32.11 10.23
C GLN B 70 -19.35 32.15 10.22
N MET B 71 -19.94 33.07 9.44
CA MET B 71 -21.41 33.17 9.34
C MET B 71 -22.00 32.04 8.51
N LEU B 72 -21.15 31.32 7.79
CA LEU B 72 -21.55 30.15 7.02
C LEU B 72 -21.12 28.87 7.72
N SER B 73 -20.95 28.95 9.05
CA SER B 73 -20.47 27.83 9.84
C SER B 73 -20.99 26.49 9.34
N GLY B 74 -22.31 26.34 9.34
CA GLY B 74 -22.93 25.07 9.02
C GLY B 74 -23.75 25.05 7.73
N THR B 75 -23.14 25.42 6.62
CA THR B 75 -23.77 25.25 5.31
C THR B 75 -22.76 24.56 4.39
N VAL B 76 -23.14 24.33 3.13
CA VAL B 76 -22.19 23.78 2.19
C VAL B 76 -21.19 24.86 1.79
N PRO B 77 -20.01 24.45 1.34
CA PRO B 77 -18.93 25.40 1.05
C PRO B 77 -19.23 26.23 -0.18
N CYS B 78 -18.81 27.48 -0.17
CA CYS B 78 -18.84 28.29 -1.37
C CYS B 78 -20.24 28.66 -1.76
N LEU B 79 -21.11 28.85 -0.78
CA LEU B 79 -22.48 29.17 -1.06
C LEU B 79 -22.54 30.51 -1.81
N PRO B 80 -21.78 31.53 -1.35
CA PRO B 80 -21.72 32.81 -2.04
C PRO B 80 -21.40 32.66 -3.53
N ALA B 81 -20.53 31.74 -3.90
CA ALA B 81 -20.31 31.51 -5.31
C ALA B 81 -21.62 31.11 -6.01
N TYR B 82 -22.36 30.18 -5.41
CA TYR B 82 -23.53 29.64 -6.05
C TYR B 82 -24.61 30.71 -6.11
N ILE B 83 -24.83 31.38 -4.98
CA ILE B 83 -25.76 32.50 -4.95
C ILE B 83 -25.45 33.50 -6.07
N LEU B 84 -24.17 33.87 -6.20
CA LEU B 84 -23.76 34.83 -7.21
C LEU B 84 -24.10 34.33 -8.61
N TYR B 85 -23.83 33.07 -8.89
CA TYR B 85 -24.19 32.56 -10.21
C TYR B 85 -25.71 32.53 -10.44
N MET B 86 -26.50 32.39 -9.38
CA MET B 86 -27.95 32.34 -9.52
C MET B 86 -28.47 33.72 -9.89
N CYS B 87 -27.82 34.75 -9.37
CA CYS B 87 -28.14 36.12 -9.75
C CYS B 87 -27.74 36.40 -11.19
N ILE B 88 -26.65 35.78 -11.64
CA ILE B 88 -26.15 35.99 -12.99
C ILE B 88 -27.04 35.29 -14.01
N ARG B 89 -27.50 34.10 -13.67
CA ARG B 89 -28.45 33.39 -14.52
C ARG B 89 -29.65 34.27 -14.80
N HIS B 90 -30.16 34.91 -13.76
CA HIS B 90 -31.38 35.70 -13.89
C HIS B 90 -31.13 36.93 -14.73
N ALA B 91 -29.92 37.49 -14.62
CA ALA B 91 -29.52 38.61 -15.47
C ALA B 91 -29.49 38.15 -16.92
N ASP B 92 -29.08 36.91 -17.13
CA ASP B 92 -28.97 36.37 -18.47
C ASP B 92 -30.35 36.01 -19.02
N TYR B 93 -31.20 35.51 -18.12
CA TYR B 93 -32.56 35.11 -18.44
C TYR B 93 -33.35 36.31 -18.99
N THR B 94 -33.18 37.46 -18.35
CA THR B 94 -33.84 38.72 -18.73
C THR B 94 -33.01 39.53 -19.74
N ASN B 95 -32.01 38.91 -20.34
CA ASN B 95 -31.19 39.59 -21.35
C ASN B 95 -30.61 40.95 -20.92
N ASP B 96 -30.54 41.20 -19.60
CA ASP B 96 -30.01 42.47 -19.07
C ASP B 96 -28.49 42.44 -19.03
N ASP B 97 -27.87 42.74 -20.16
CA ASP B 97 -26.43 42.65 -20.27
C ASP B 97 -25.77 43.75 -19.47
N LEU B 98 -26.52 44.80 -19.13
CA LEU B 98 -26.01 45.83 -18.24
C LEU B 98 -25.97 45.31 -16.79
N LYS B 99 -26.96 44.53 -16.38
CA LYS B 99 -27.01 44.02 -15.02
C LYS B 99 -25.94 42.95 -14.81
N VAL B 100 -25.55 42.26 -15.87
CA VAL B 100 -24.47 41.27 -15.77
C VAL B 100 -23.15 41.99 -15.48
N HIS B 101 -22.81 42.93 -16.34
CA HIS B 101 -21.56 43.66 -16.21
C HIS B 101 -21.44 44.35 -14.85
N SER B 102 -22.51 45.02 -14.43
CA SER B 102 -22.53 45.72 -13.15
C SER B 102 -22.37 44.75 -11.96
N LEU B 103 -23.04 43.59 -12.02
CA LEU B 103 -23.00 42.61 -10.95
C LEU B 103 -21.60 42.01 -10.72
N LEU B 104 -21.05 41.41 -11.77
CA LEU B 104 -19.68 40.91 -11.77
C LEU B 104 -18.65 42.00 -11.42
N THR B 105 -18.68 43.14 -12.11
CA THR B 105 -17.74 44.21 -11.85
C THR B 105 -17.80 44.68 -10.39
N SER B 106 -19.02 44.75 -9.84
CA SER B 106 -19.20 45.21 -8.46
C SER B 106 -18.76 44.18 -7.43
N THR B 107 -18.89 42.89 -7.79
CA THR B 107 -18.48 41.78 -6.94
C THR B 107 -16.95 41.69 -6.86
N ILE B 108 -16.33 41.62 -8.03
CA ILE B 108 -14.88 41.66 -8.14
C ILE B 108 -14.28 42.82 -7.34
N ASN B 109 -14.80 44.03 -7.53
CA ASN B 109 -14.31 45.16 -6.75
C ASN B 109 -14.57 44.96 -5.26
N GLY B 110 -15.68 44.30 -4.92
CA GLY B 110 -16.00 44.03 -3.53
C GLY B 110 -14.99 43.08 -2.89
N ILE B 111 -14.77 41.95 -3.56
CA ILE B 111 -13.80 40.97 -3.10
C ILE B 111 -12.43 41.60 -2.94
N LYS B 112 -11.99 42.35 -3.94
CA LYS B 112 -10.67 42.98 -3.86
C LYS B 112 -10.62 43.92 -2.67
N LYS B 113 -11.72 44.62 -2.40
CA LYS B 113 -11.76 45.54 -1.28
C LYS B 113 -11.69 44.78 0.04
N VAL B 114 -12.27 43.58 0.09
CA VAL B 114 -12.24 42.78 1.30
C VAL B 114 -10.85 42.24 1.56
N LEU B 115 -10.27 41.62 0.52
CA LEU B 115 -8.92 41.08 0.60
C LEU B 115 -7.86 42.14 0.91
N LYS B 116 -8.09 43.40 0.54
CA LYS B 116 -7.16 44.48 0.85
C LYS B 116 -7.27 44.92 2.31
N LYS B 117 -8.48 45.06 2.81
CA LYS B 117 -8.70 45.41 4.21
C LYS B 117 -8.19 44.26 5.10
N HIS B 118 -8.32 43.03 4.61
CA HIS B 118 -7.88 41.85 5.34
C HIS B 118 -6.68 41.17 4.69
N ASN B 119 -5.61 41.94 4.43
CA ASN B 119 -4.44 41.41 3.71
C ASN B 119 -3.54 40.52 4.57
N ASP B 120 -3.82 40.48 5.87
CA ASP B 120 -3.08 39.64 6.81
C ASP B 120 -3.91 38.41 7.19
N ASP B 121 -5.19 38.41 6.86
CA ASP B 121 -6.13 37.42 7.37
C ASP B 121 -6.19 36.16 6.51
N PHE B 122 -5.61 35.07 7.01
CA PHE B 122 -5.50 33.86 6.21
C PHE B 122 -6.88 33.21 5.97
N GLU B 123 -7.76 33.30 6.96
CA GLU B 123 -9.08 32.71 6.82
C GLU B 123 -9.81 33.38 5.64
N MET B 124 -9.99 34.70 5.75
CA MET B 124 -10.67 35.50 4.73
C MET B 124 -10.11 35.33 3.33
N THR B 125 -8.79 35.31 3.21
CA THR B 125 -8.17 35.16 1.90
C THR B 125 -8.55 33.79 1.32
N SER B 126 -8.45 32.76 2.15
CA SER B 126 -8.77 31.41 1.74
C SER B 126 -10.25 31.29 1.38
N PHE B 127 -11.12 31.85 2.21
CA PHE B 127 -12.54 31.93 1.92
C PHE B 127 -12.81 32.46 0.51
N TRP B 128 -12.25 33.61 0.18
CA TRP B 128 -12.55 34.23 -1.11
C TRP B 128 -11.86 33.55 -2.28
N LEU B 129 -10.72 32.91 -2.05
CA LEU B 129 -10.09 32.14 -3.11
C LEU B 129 -10.98 30.97 -3.48
N SER B 130 -11.68 30.44 -2.48
CA SER B 130 -12.58 29.32 -2.67
C SER B 130 -13.83 29.72 -3.45
N ASN B 131 -14.45 30.80 -3.01
CA ASN B 131 -15.63 31.30 -3.69
C ASN B 131 -15.34 31.79 -5.11
N THR B 132 -14.22 32.49 -5.31
CA THR B 132 -13.88 32.98 -6.64
C THR B 132 -13.70 31.82 -7.60
N CYS B 133 -13.04 30.77 -7.15
CA CYS B 133 -12.82 29.59 -7.99
C CYS B 133 -14.13 28.89 -8.31
N ARG B 134 -15.01 28.78 -7.32
CA ARG B 134 -16.24 28.03 -7.52
C ARG B 134 -17.12 28.84 -8.48
N LEU B 135 -17.14 30.16 -8.30
CA LEU B 135 -17.84 31.02 -9.25
C LEU B 135 -17.34 30.74 -10.66
N LEU B 136 -16.02 30.73 -10.80
CA LEU B 136 -15.44 30.43 -12.09
C LEU B 136 -15.83 29.01 -12.56
N HIS B 137 -15.89 28.04 -11.65
CA HIS B 137 -16.37 26.68 -11.99
C HIS B 137 -17.82 26.72 -12.49
N CYS B 138 -18.70 27.42 -11.78
CA CYS B 138 -20.07 27.63 -12.25
C CYS B 138 -20.13 28.29 -13.64
N LEU B 139 -19.27 29.29 -13.91
CA LEU B 139 -19.34 29.96 -15.22
C LEU B 139 -18.88 29.05 -16.35
N LYS B 140 -18.06 28.04 -16.02
CA LYS B 140 -17.63 27.07 -17.03
C LYS B 140 -18.65 25.94 -17.18
N GLN B 141 -18.97 25.29 -16.06
CA GLN B 141 -19.94 24.18 -16.02
C GLN B 141 -21.31 24.59 -16.61
N TYR B 142 -21.72 25.83 -16.37
CA TYR B 142 -23.01 26.30 -16.86
C TYR B 142 -22.83 27.34 -17.97
N SER B 143 -21.83 27.14 -18.82
CA SER B 143 -21.46 28.11 -19.84
C SER B 143 -22.29 27.92 -21.08
N GLY B 144 -22.74 26.69 -21.29
CA GLY B 144 -23.46 26.33 -22.49
C GLY B 144 -22.52 25.75 -23.52
N ASP B 145 -21.23 25.94 -23.30
CA ASP B 145 -20.21 25.34 -24.17
C ASP B 145 -20.09 23.87 -23.82
N GLU B 146 -20.38 23.01 -24.80
CA GLU B 146 -20.37 21.57 -24.60
C GLU B 146 -19.10 21.09 -23.87
N GLY B 147 -17.97 21.71 -24.17
CA GLY B 147 -16.69 21.28 -23.64
C GLY B 147 -16.57 21.24 -22.12
N PHE B 148 -17.28 22.13 -21.43
CA PHE B 148 -17.26 22.15 -19.97
C PHE B 148 -18.39 21.34 -19.33
N MET B 149 -19.30 20.84 -20.16
CA MET B 149 -20.54 20.27 -19.64
C MET B 149 -20.64 18.75 -19.77
N THR B 150 -19.51 18.09 -20.02
CA THR B 150 -19.49 16.64 -20.19
C THR B 150 -19.91 15.88 -18.91
N GLN B 151 -19.90 16.54 -17.76
CA GLN B 151 -20.22 15.88 -16.49
C GLN B 151 -21.58 16.30 -15.92
N ASN B 152 -22.33 17.11 -16.65
CA ASN B 152 -23.62 17.61 -16.18
C ASN B 152 -24.77 16.61 -16.17
N THR B 153 -25.65 16.74 -15.18
CA THR B 153 -26.92 15.98 -15.17
C THR B 153 -27.94 16.73 -15.99
N ALA B 154 -28.89 15.98 -16.57
CA ALA B 154 -29.93 16.57 -17.38
C ALA B 154 -30.50 17.84 -16.74
N LYS B 155 -30.69 17.81 -15.42
CA LYS B 155 -31.27 18.96 -14.71
C LYS B 155 -30.29 20.12 -14.58
N GLN B 156 -29.00 19.84 -14.64
CA GLN B 156 -27.99 20.89 -14.58
C GLN B 156 -27.87 21.61 -15.94
N ASN B 157 -27.78 20.85 -17.02
CA ASN B 157 -27.82 21.42 -18.36
C ASN B 157 -28.95 22.42 -18.59
N GLU B 158 -30.08 22.26 -17.88
CA GLU B 158 -31.21 23.21 -17.97
C GLU B 158 -30.80 24.58 -17.50
N HIS B 159 -29.93 24.61 -16.49
CA HIS B 159 -29.58 25.83 -15.78
C HIS B 159 -28.41 26.61 -16.42
N CYS B 160 -27.99 26.20 -17.61
CA CYS B 160 -26.92 26.90 -18.32
C CYS B 160 -27.37 28.28 -18.80
N LEU B 161 -26.39 29.12 -19.09
CA LEU B 161 -26.64 30.44 -19.66
C LEU B 161 -27.17 30.28 -21.07
N LYS B 162 -28.15 31.10 -21.42
CA LYS B 162 -28.80 30.98 -22.72
C LYS B 162 -28.28 32.00 -23.73
N ASN B 163 -28.14 33.25 -23.27
CA ASN B 163 -27.91 34.37 -24.18
C ASN B 163 -26.49 34.93 -24.22
N PHE B 164 -25.82 34.91 -23.06
CA PHE B 164 -24.52 35.58 -22.90
C PHE B 164 -23.31 34.63 -22.89
N ASP B 165 -22.27 35.00 -23.64
CA ASP B 165 -20.99 34.31 -23.55
C ASP B 165 -20.09 35.13 -22.65
N LEU B 166 -19.79 34.62 -21.46
CA LEU B 166 -19.02 35.37 -20.49
C LEU B 166 -17.54 34.93 -20.43
N THR B 167 -16.99 34.43 -21.54
CA THR B 167 -15.59 34.01 -21.55
C THR B 167 -14.69 35.05 -20.89
N GLU B 168 -14.87 36.31 -21.27
CA GLU B 168 -13.96 37.37 -20.83
C GLU B 168 -14.06 37.59 -19.34
N TYR B 169 -15.23 37.38 -18.76
CA TYR B 169 -15.32 37.56 -17.32
C TYR B 169 -14.63 36.39 -16.61
N ARG B 170 -14.62 35.23 -17.25
CA ARG B 170 -13.94 34.08 -16.68
C ARG B 170 -12.45 34.39 -16.64
N GLN B 171 -11.95 34.97 -17.72
CA GLN B 171 -10.53 35.36 -17.79
C GLN B 171 -10.18 36.36 -16.68
N VAL B 172 -11.14 37.22 -16.33
CA VAL B 172 -10.89 38.20 -15.28
C VAL B 172 -10.88 37.52 -13.93
N LEU B 173 -11.88 36.68 -13.68
CA LEU B 173 -11.97 35.95 -12.43
C LEU B 173 -10.76 35.03 -12.25
N SER B 174 -10.28 34.49 -13.36
CA SER B 174 -9.11 33.65 -13.32
C SER B 174 -7.92 34.47 -12.84
N ASP B 175 -7.76 35.69 -13.39
CA ASP B 175 -6.67 36.58 -12.97
C ASP B 175 -6.75 36.91 -11.46
N LEU B 176 -7.93 37.35 -11.04
CA LEU B 176 -8.17 37.66 -9.65
C LEU B 176 -7.77 36.49 -8.73
N SER B 177 -7.93 35.26 -9.22
CA SER B 177 -7.69 34.12 -8.34
C SER B 177 -6.19 33.90 -8.15
N ILE B 178 -5.42 34.15 -9.21
CA ILE B 178 -3.96 34.16 -9.14
C ILE B 178 -3.51 35.15 -8.07
N GLN B 179 -4.14 36.31 -8.05
CA GLN B 179 -3.79 37.35 -7.10
C GLN B 179 -4.12 36.93 -5.66
N ILE B 180 -5.30 36.37 -5.46
CA ILE B 180 -5.70 35.96 -4.13
C ILE B 180 -4.78 34.81 -3.68
N TYR B 181 -4.41 33.95 -4.61
CA TYR B 181 -3.52 32.84 -4.30
C TYR B 181 -2.22 33.39 -3.76
N GLN B 182 -1.69 34.38 -4.46
CA GLN B 182 -0.43 35.01 -4.08
C GLN B 182 -0.51 35.71 -2.73
N GLN B 183 -1.68 36.22 -2.37
CA GLN B 183 -1.85 36.83 -1.06
C GLN B 183 -1.89 35.76 0.01
N LEU B 184 -2.36 34.57 -0.38
CA LEU B 184 -2.49 33.44 0.54
C LEU B 184 -1.10 32.94 0.92
N ILE B 185 -0.23 32.81 -0.09
CA ILE B 185 1.13 32.33 0.13
C ILE B 185 1.90 33.34 0.96
N LYS B 186 1.75 34.60 0.62
CA LYS B 186 2.33 35.66 1.43
C LYS B 186 1.96 35.47 2.88
N ILE B 187 0.67 35.53 3.20
CA ILE B 187 0.23 35.45 4.58
C ILE B 187 0.85 34.24 5.29
N ALA B 188 0.86 33.09 4.59
CA ALA B 188 1.31 31.84 5.19
C ALA B 188 2.82 31.87 5.43
N GLU B 189 3.56 32.26 4.41
CA GLU B 189 5.02 32.40 4.52
C GLU B 189 5.32 33.41 5.62
N GLY B 190 4.54 34.47 5.69
CA GLY B 190 4.76 35.52 6.67
C GLY B 190 4.66 35.01 8.10
N VAL B 191 3.85 33.96 8.30
CA VAL B 191 3.64 33.41 9.63
C VAL B 191 4.73 32.39 9.96
N LEU B 192 5.15 31.61 8.97
CA LEU B 192 6.11 30.53 9.16
C LEU B 192 7.56 31.01 9.22
N GLN B 193 7.88 32.00 8.40
CA GLN B 193 9.27 32.41 8.18
C GLN B 193 10.05 32.58 9.49
N PRO B 194 9.49 33.32 10.44
CA PRO B 194 10.21 33.50 11.71
C PRO B 194 10.44 32.21 12.51
N MET B 195 9.70 31.15 12.20
CA MET B 195 9.79 29.88 12.94
C MET B 195 10.86 28.94 12.35
N ILE B 196 11.08 29.01 11.05
CA ILE B 196 11.86 28.00 10.34
C ILE B 196 13.24 27.67 10.93
N VAL B 197 14.14 28.66 11.00
CA VAL B 197 15.52 28.39 11.38
C VAL B 197 15.64 27.77 12.78
N SER B 198 14.97 28.37 13.75
CA SER B 198 14.98 27.85 15.11
C SER B 198 14.43 26.41 15.14
N ALA B 199 13.45 26.13 14.29
CA ALA B 199 12.74 24.85 14.35
C ALA B 199 13.46 23.73 13.63
N MET B 200 14.10 24.07 12.51
CA MET B 200 14.78 23.07 11.68
C MET B 200 16.18 22.70 12.17
N LEU B 201 16.93 23.65 12.73
CA LEU B 201 18.32 23.42 13.13
C LEU B 201 18.51 23.41 14.64
N GLU B 202 18.32 24.57 15.26
CA GLU B 202 18.66 24.79 16.66
C GLU B 202 18.13 23.73 17.64
N ASN B 203 16.81 23.68 17.81
CA ASN B 203 16.19 22.78 18.77
C ASN B 203 16.62 21.31 18.58
N GLU B 204 17.11 20.71 19.66
CA GLU B 204 17.57 19.33 19.67
C GLU B 204 16.50 18.39 20.22
N SER B 205 15.96 17.54 19.36
CA SER B 205 14.91 16.61 19.75
C SER B 205 15.45 15.18 19.91
N ILE B 206 16.57 14.90 19.26
CA ILE B 206 17.16 13.56 19.29
C ILE B 206 18.36 13.49 20.22
N SER B 230 12.46 31.69 19.81
CA SER B 230 12.63 30.24 19.79
C SER B 230 11.31 29.50 19.43
N TYR B 231 11.39 28.61 18.44
CA TYR B 231 10.23 27.85 17.99
C TYR B 231 10.59 26.37 17.70
N CYS B 232 9.85 25.46 18.31
CA CYS B 232 10.06 24.03 18.08
C CYS B 232 9.35 23.56 16.80
N LEU B 233 9.74 22.39 16.31
CA LEU B 233 9.16 21.88 15.07
C LEU B 233 7.65 21.66 15.24
N GLU B 234 7.23 21.24 16.44
CA GLU B 234 5.80 21.10 16.74
C GLU B 234 5.04 22.37 16.40
N ALA B 235 5.61 23.52 16.76
CA ALA B 235 4.93 24.81 16.58
C ALA B 235 4.67 25.09 15.10
N ILE B 236 5.58 24.66 14.26
CA ILE B 236 5.41 24.77 12.81
C ILE B 236 4.33 23.80 12.32
N ILE B 237 4.24 22.64 12.94
CA ILE B 237 3.28 21.65 12.51
C ILE B 237 1.87 22.06 12.95
N ARG B 238 1.73 22.63 14.14
CA ARG B 238 0.44 23.12 14.62
C ARG B 238 -0.07 24.25 13.72
N GLN B 239 0.85 25.02 13.18
CA GLN B 239 0.50 26.17 12.36
C GLN B 239 0.07 25.69 10.98
N MET B 240 0.82 24.77 10.39
CA MET B 240 0.43 24.22 9.10
C MET B 240 -0.85 23.42 9.21
N ASN B 241 -1.09 22.83 10.38
CA ASN B 241 -2.33 22.10 10.62
C ASN B 241 -3.47 23.09 10.47
N ALA B 242 -3.36 24.20 11.20
CA ALA B 242 -4.38 25.23 11.16
C ALA B 242 -4.65 25.70 9.73
N PHE B 243 -3.60 25.95 8.96
CA PHE B 243 -3.75 26.31 7.55
C PHE B 243 -4.53 25.24 6.81
N HIS B 244 -4.15 23.98 6.98
CA HIS B 244 -4.76 22.91 6.22
C HIS B 244 -6.24 22.82 6.59
N THR B 245 -6.55 23.07 7.86
CA THR B 245 -7.91 22.90 8.32
C THR B 245 -8.83 24.02 7.83
N VAL B 246 -8.28 25.22 7.66
CA VAL B 246 -9.07 26.33 7.13
C VAL B 246 -9.36 26.05 5.66
N MET B 247 -8.32 25.75 4.90
CA MET B 247 -8.47 25.47 3.48
C MET B 247 -9.44 24.30 3.20
N CYS B 248 -9.60 23.39 4.14
CA CYS B 248 -10.48 22.24 3.97
C CYS B 248 -11.91 22.63 4.28
N ASP B 249 -12.10 23.24 5.45
CA ASP B 249 -13.43 23.63 5.89
C ASP B 249 -14.11 24.64 4.97
N GLN B 250 -13.31 25.26 4.09
CA GLN B 250 -13.84 26.26 3.17
C GLN B 250 -13.92 25.74 1.75
N GLY B 251 -13.62 24.45 1.59
CA GLY B 251 -13.84 23.79 0.33
C GLY B 251 -12.98 24.30 -0.79
N LEU B 252 -11.74 24.66 -0.46
CA LEU B 252 -10.76 25.01 -1.49
C LEU B 252 -10.34 23.75 -2.25
N ASP B 253 -10.33 23.85 -3.58
CA ASP B 253 -9.94 22.75 -4.45
C ASP B 253 -8.70 22.02 -3.93
N PRO B 254 -8.75 20.68 -3.84
CA PRO B 254 -7.60 19.94 -3.34
C PRO B 254 -6.31 20.18 -4.16
N GLU B 255 -6.42 20.43 -5.47
CA GLU B 255 -5.23 20.65 -6.28
C GLU B 255 -4.53 21.93 -5.84
N ILE B 256 -5.32 22.88 -5.34
CA ILE B 256 -4.78 24.15 -4.83
C ILE B 256 -4.19 23.95 -3.44
N ILE B 257 -4.84 23.15 -2.61
CA ILE B 257 -4.28 22.84 -1.30
C ILE B 257 -2.92 22.16 -1.44
N LEU B 258 -2.81 21.24 -2.39
CA LEU B 258 -1.54 20.62 -2.68
C LEU B 258 -0.48 21.70 -3.04
N GLN B 259 -0.70 22.46 -4.09
CA GLN B 259 0.28 23.43 -4.53
C GLN B 259 0.65 24.45 -3.45
N VAL B 260 -0.25 24.71 -2.51
CA VAL B 260 0.06 25.67 -1.46
C VAL B 260 1.10 25.08 -0.52
N PHE B 261 0.97 23.79 -0.23
CA PHE B 261 1.90 23.14 0.68
C PHE B 261 3.23 22.80 -0.03
N LYS B 262 3.19 22.55 -1.33
CA LYS B 262 4.40 22.41 -2.12
C LYS B 262 5.23 23.68 -2.04
N GLN B 263 4.54 24.82 -1.97
CA GLN B 263 5.16 26.12 -2.00
C GLN B 263 5.74 26.45 -0.64
N LEU B 264 4.99 26.12 0.41
CA LEU B 264 5.45 26.37 1.76
C LEU B 264 6.69 25.54 2.07
N PHE B 265 6.75 24.33 1.51
CA PHE B 265 7.84 23.43 1.80
C PHE B 265 9.11 23.84 1.04
N TYR B 266 8.95 24.26 -0.19
CA TYR B 266 10.06 24.87 -0.91
C TYR B 266 10.62 26.03 -0.09
N MET B 267 9.77 26.77 0.59
CA MET B 267 10.28 27.85 1.42
C MET B 267 11.11 27.26 2.55
N ILE B 268 10.56 26.32 3.30
CA ILE B 268 11.29 25.74 4.42
C ILE B 268 12.66 25.24 3.96
N ASN B 269 12.70 24.60 2.79
CA ASN B 269 13.93 24.17 2.16
C ASN B 269 14.93 25.32 1.96
N ALA B 270 14.50 26.28 1.15
CA ALA B 270 15.32 27.42 0.80
C ALA B 270 15.81 28.21 2.02
N VAL B 271 14.93 28.44 3.00
CA VAL B 271 15.30 29.29 4.13
C VAL B 271 16.30 28.60 5.05
N THR B 272 16.08 27.31 5.29
CA THR B 272 16.96 26.55 6.14
C THR B 272 18.32 26.40 5.45
N LEU B 273 18.32 26.09 4.17
CA LEU B 273 19.57 25.87 3.46
C LEU B 273 20.40 27.15 3.36
N ASN B 274 19.75 28.26 3.04
CA ASN B 274 20.42 29.57 3.03
C ASN B 274 21.06 29.87 4.39
N ASN B 275 20.35 29.52 5.46
CA ASN B 275 20.83 29.78 6.82
C ASN B 275 22.04 28.91 7.16
N LEU B 276 22.03 27.66 6.67
CA LEU B 276 23.19 26.78 6.78
C LEU B 276 24.38 27.40 6.04
N LEU B 277 24.11 27.97 4.87
CA LEU B 277 25.15 28.51 4.01
C LEU B 277 25.68 29.85 4.48
N LEU B 278 25.14 30.40 5.57
CA LEU B 278 25.64 31.69 6.08
C LEU B 278 26.10 31.64 7.55
N ARG B 279 26.13 30.44 8.11
CA ARG B 279 26.44 30.26 9.52
C ARG B 279 27.50 29.20 9.62
N LYS B 280 28.61 29.54 10.23
CA LYS B 280 29.68 28.58 10.39
C LYS B 280 29.42 27.70 11.61
N ASP B 281 28.89 28.29 12.67
CA ASP B 281 28.66 27.58 13.92
C ASP B 281 27.68 26.41 13.76
N VAL B 282 26.74 26.54 12.83
CA VAL B 282 25.62 25.60 12.74
C VAL B 282 25.87 24.38 11.83
N CYS B 283 27.02 24.32 11.15
CA CYS B 283 27.35 23.19 10.29
C CYS B 283 28.18 22.13 11.02
N SER B 284 27.60 20.95 11.17
CA SER B 284 28.27 19.82 11.81
C SER B 284 27.41 18.59 11.56
N TRP B 285 27.94 17.41 11.88
CA TRP B 285 27.19 16.18 11.66
C TRP B 285 26.00 16.11 12.62
N SER B 286 26.18 16.63 13.82
CA SER B 286 25.10 16.64 14.80
C SER B 286 23.88 17.43 14.29
N THR B 287 24.12 18.55 13.63
CA THR B 287 23.02 19.35 13.08
C THR B 287 22.48 18.69 11.81
N GLY B 288 23.32 17.91 11.13
CA GLY B 288 22.87 17.15 9.98
C GLY B 288 21.85 16.10 10.41
N MET B 289 22.14 15.43 11.53
CA MET B 289 21.23 14.44 12.09
C MET B 289 19.89 15.05 12.54
N GLN B 290 19.92 16.01 13.45
CA GLN B 290 18.72 16.71 13.87
C GLN B 290 17.95 17.19 12.65
N LEU B 291 18.68 17.77 11.69
CA LEU B 291 18.06 18.31 10.50
C LEU B 291 17.28 17.22 9.77
N ARG B 292 17.96 16.12 9.49
CA ARG B 292 17.33 14.99 8.78
C ARG B 292 16.10 14.47 9.53
N TYR B 293 16.21 14.35 10.85
CA TYR B 293 15.10 13.84 11.62
C TYR B 293 13.91 14.79 11.48
N ASN B 294 14.18 16.09 11.61
CA ASN B 294 13.17 17.12 11.47
C ASN B 294 12.46 17.08 10.11
N ILE B 295 13.22 16.91 9.03
CA ILE B 295 12.64 16.75 7.70
C ILE B 295 11.77 15.48 7.61
N SER B 296 12.22 14.38 8.21
CA SER B 296 11.50 13.12 8.15
C SER B 296 10.20 13.25 8.97
N GLN B 297 10.21 14.13 9.97
CA GLN B 297 9.03 14.44 10.76
C GLN B 297 8.04 15.29 9.95
N LEU B 298 8.57 16.16 9.10
CA LEU B 298 7.74 16.94 8.19
C LEU B 298 7.17 16.04 7.11
N GLU B 299 7.97 15.11 6.61
CA GLU B 299 7.52 14.23 5.55
C GLU B 299 6.39 13.33 6.04
N GLU B 300 6.44 12.95 7.32
CA GLU B 300 5.42 12.07 7.89
C GLU B 300 4.15 12.86 8.17
N TRP B 301 4.31 14.16 8.47
CA TRP B 301 3.15 15.04 8.59
C TRP B 301 2.37 15.05 7.27
N LEU B 302 3.10 15.23 6.17
CA LEU B 302 2.50 15.22 4.85
C LEU B 302 1.65 13.95 4.62
N ARG B 303 2.22 12.78 4.92
CA ARG B 303 1.50 11.52 4.70
C ARG B 303 0.23 11.48 5.54
N GLY B 304 0.30 12.04 6.74
CA GLY B 304 -0.82 12.02 7.64
C GLY B 304 -2.00 12.85 7.16
N ARG B 305 -1.76 13.88 6.34
CA ARG B 305 -2.83 14.73 5.86
C ARG B 305 -3.04 14.46 4.38
N ASN B 306 -2.44 13.37 3.90
CA ASN B 306 -2.54 13.02 2.49
C ASN B 306 -2.03 14.11 1.54
N LEU B 307 -0.83 14.64 1.81
CA LEU B 307 -0.23 15.68 0.98
C LEU B 307 1.12 15.24 0.41
N HIS B 308 1.36 13.94 0.42
CA HIS B 308 2.69 13.41 0.07
CA HIS B 308 2.67 13.39 0.07
C HIS B 308 2.88 13.32 -1.44
N GLN B 309 1.82 13.61 -2.19
CA GLN B 309 1.90 13.63 -3.66
C GLN B 309 1.84 15.08 -4.18
N SER B 310 1.93 16.07 -3.30
CA SER B 310 1.91 17.47 -3.73
C SER B 310 3.19 17.89 -4.42
N GLY B 311 4.29 17.17 -4.16
CA GLY B 311 5.60 17.50 -4.68
C GLY B 311 6.43 18.23 -3.63
N ALA B 312 5.86 18.34 -2.43
CA ALA B 312 6.48 19.04 -1.31
C ALA B 312 7.80 18.36 -0.93
N VAL B 313 7.75 17.03 -0.84
CA VAL B 313 8.92 16.23 -0.53
C VAL B 313 10.06 16.54 -1.48
N GLN B 314 9.78 16.59 -2.77
CA GLN B 314 10.81 16.85 -3.76
C GLN B 314 11.48 18.22 -3.59
N THR B 315 10.76 19.21 -3.07
CA THR B 315 11.36 20.53 -2.95
C THR B 315 12.32 20.60 -1.77
N MET B 316 12.35 19.56 -0.95
CA MET B 316 13.23 19.55 0.22
C MET B 316 14.50 18.76 -0.07
N GLU B 317 14.63 18.24 -1.28
CA GLU B 317 15.78 17.40 -1.62
C GLU B 317 17.13 18.09 -1.35
N PRO B 318 17.29 19.36 -1.77
CA PRO B 318 18.55 20.07 -1.49
C PRO B 318 18.91 20.09 -0.01
N LEU B 319 17.96 20.49 0.83
CA LEU B 319 18.18 20.54 2.28
C LEU B 319 18.49 19.16 2.87
N ILE B 320 17.97 18.12 2.22
CA ILE B 320 18.19 16.75 2.70
C ILE B 320 19.61 16.36 2.37
N GLN B 321 20.03 16.68 1.16
CA GLN B 321 21.40 16.42 0.74
C GLN B 321 22.40 17.24 1.56
N ALA B 322 22.05 18.46 1.95
CA ALA B 322 22.91 19.25 2.84
C ALA B 322 23.03 18.56 4.20
N ALA B 323 21.95 17.91 4.63
CA ALA B 323 21.95 17.22 5.92
C ALA B 323 22.77 15.94 5.85
N GLN B 324 22.73 15.27 4.71
CA GLN B 324 23.54 14.07 4.49
C GLN B 324 25.00 14.45 4.31
N LEU B 325 25.24 15.56 3.62
CA LEU B 325 26.60 16.04 3.34
C LEU B 325 27.30 16.24 4.67
N LEU B 326 26.56 16.83 5.61
CA LEU B 326 27.08 17.11 6.95
C LEU B 326 27.51 15.85 7.72
N GLN B 327 26.98 14.71 7.33
CA GLN B 327 27.24 13.48 8.06
C GLN B 327 28.30 12.64 7.38
N LEU B 328 28.43 12.79 6.07
CA LEU B 328 29.31 11.93 5.29
C LEU B 328 30.79 12.07 5.72
N LYS B 329 31.55 11.00 5.52
CA LYS B 329 32.98 11.09 5.70
C LYS B 329 33.47 12.11 4.68
N LYS B 330 34.54 12.84 5.02
CA LYS B 330 35.12 13.80 4.09
C LYS B 330 36.64 13.89 4.23
N LYS B 331 37.34 12.87 3.74
CA LYS B 331 38.79 12.82 3.84
C LYS B 331 39.44 12.15 2.62
N THR B 332 39.04 10.91 2.35
CA THR B 332 39.68 10.10 1.30
C THR B 332 39.09 10.38 -0.08
N GLN B 333 39.83 9.98 -1.12
CA GLN B 333 39.36 10.08 -2.50
C GLN B 333 37.99 9.39 -2.67
N GLU B 334 37.78 8.33 -1.89
CA GLU B 334 36.53 7.60 -1.88
C GLU B 334 35.41 8.53 -1.38
N ASP B 335 35.68 9.22 -0.27
CA ASP B 335 34.70 10.09 0.35
C ASP B 335 34.31 11.24 -0.58
N ALA B 336 35.22 11.60 -1.48
CA ALA B 336 34.98 12.72 -2.39
C ALA B 336 34.15 12.30 -3.58
N GLU B 337 34.27 11.03 -3.99
CA GLU B 337 33.52 10.51 -5.13
C GLU B 337 32.06 10.35 -4.74
N ALA B 338 31.85 9.99 -3.48
CA ALA B 338 30.54 9.77 -2.94
C ALA B 338 29.78 11.08 -2.88
N ILE B 339 30.43 12.13 -2.38
CA ILE B 339 29.76 13.41 -2.20
C ILE B 339 29.27 13.95 -3.54
N CYS B 340 30.09 13.80 -4.57
CA CYS B 340 29.70 14.26 -5.90
C CYS B 340 28.61 13.39 -6.53
N SER B 341 28.58 12.11 -6.19
CA SER B 341 27.51 11.21 -6.63
C SER B 341 26.19 11.58 -5.97
N LEU B 342 26.26 11.93 -4.69
CA LEU B 342 25.07 12.19 -3.90
C LEU B 342 24.47 13.57 -4.14
N CYS B 343 25.28 14.60 -3.93
CA CYS B 343 24.79 15.97 -3.89
C CYS B 343 24.45 16.54 -5.28
N THR B 344 23.51 15.90 -5.97
CA THR B 344 23.11 16.32 -7.30
C THR B 344 22.25 17.58 -7.29
N SER B 345 21.62 17.86 -6.16
CA SER B 345 20.71 19.01 -6.06
C SER B 345 21.36 20.22 -5.38
N LEU B 346 22.61 20.07 -4.95
CA LEU B 346 23.38 21.20 -4.47
C LEU B 346 24.36 21.63 -5.55
N SER B 347 24.50 22.94 -5.74
CA SER B 347 25.50 23.48 -6.65
C SER B 347 26.91 23.20 -6.15
N THR B 348 27.89 23.35 -7.02
CA THR B 348 29.29 23.22 -6.62
C THR B 348 29.61 24.16 -5.47
N GLN B 349 29.33 25.44 -5.66
CA GLN B 349 29.62 26.44 -4.63
C GLN B 349 28.99 26.09 -3.27
N GLN B 350 27.74 25.60 -3.29
CA GLN B 350 27.03 25.28 -2.04
C GLN B 350 27.69 24.11 -1.31
N ILE B 351 28.06 23.08 -2.07
CA ILE B 351 28.74 21.92 -1.50
C ILE B 351 30.06 22.38 -0.88
N VAL B 352 30.81 23.15 -1.66
CA VAL B 352 32.08 23.72 -1.23
C VAL B 352 31.89 24.59 0.00
N LYS B 353 30.82 25.39 0.00
CA LYS B 353 30.54 26.33 1.09
C LYS B 353 30.30 25.58 2.39
N ILE B 354 29.46 24.55 2.33
CA ILE B 354 29.11 23.77 3.53
C ILE B 354 30.36 23.08 4.08
N LEU B 355 31.27 22.67 3.19
CA LEU B 355 32.50 22.02 3.63
C LEU B 355 33.50 22.99 4.30
N ASN B 356 33.58 24.22 3.78
CA ASN B 356 34.46 25.23 4.39
C ASN B 356 33.96 25.66 5.77
N LEU B 357 32.63 25.62 5.93
CA LEU B 357 31.99 25.97 7.19
C LEU B 357 31.94 24.78 8.15
N TYR B 358 32.26 23.58 7.67
CA TYR B 358 32.13 22.40 8.50
C TYR B 358 33.02 22.55 9.75
N THR B 359 32.39 22.42 10.92
CA THR B 359 33.07 22.59 12.20
C THR B 359 32.86 21.39 13.14
N PRO B 360 33.94 20.64 13.41
CA PRO B 360 33.82 19.41 14.21
C PRO B 360 33.36 19.67 15.65
N LEU B 361 33.22 18.59 16.42
CA LEU B 361 32.80 18.69 17.81
C LEU B 361 33.99 18.96 18.73
N PHE B 364 39.85 14.43 18.22
CA PHE B 364 38.63 13.63 18.28
C PHE B 364 37.83 13.77 16.99
N GLU B 365 38.16 14.80 16.20
CA GLU B 365 37.51 15.00 14.91
C GLU B 365 38.21 16.12 14.14
N GLU B 366 38.56 15.84 12.88
CA GLU B 366 39.36 16.76 12.07
C GLU B 366 38.49 17.65 11.15
N ARG B 367 39.11 18.65 10.53
CA ARG B 367 38.43 19.61 9.66
C ARG B 367 38.71 19.30 8.18
N VAL B 368 37.95 19.93 7.28
CA VAL B 368 38.06 19.64 5.85
C VAL B 368 39.26 20.36 5.26
N THR B 369 40.14 19.61 4.61
CA THR B 369 41.40 20.17 4.12
C THR B 369 41.14 20.97 2.85
N VAL B 370 42.15 21.71 2.42
CA VAL B 370 42.07 22.48 1.19
C VAL B 370 42.18 21.57 -0.02
N ALA B 371 43.04 20.56 0.08
CA ALA B 371 43.19 19.60 -1.02
C ALA B 371 41.89 18.83 -1.21
N PHE B 372 41.23 18.45 -0.12
CA PHE B 372 39.96 17.75 -0.27
C PHE B 372 38.99 18.64 -1.06
N ILE B 373 38.83 19.90 -0.65
CA ILE B 373 37.88 20.79 -1.31
C ILE B 373 38.22 21.07 -2.78
N ARG B 374 39.51 21.12 -3.10
CA ARG B 374 39.97 21.32 -4.49
C ARG B 374 39.77 20.06 -5.34
N THR B 375 39.79 18.90 -4.69
CA THR B 375 39.49 17.62 -5.33
C THR B 375 38.01 17.54 -5.71
N ILE B 376 37.16 18.12 -4.87
CA ILE B 376 35.74 18.13 -5.18
C ILE B 376 35.47 19.11 -6.33
N GLN B 377 35.98 20.34 -6.21
CA GLN B 377 35.77 21.35 -7.24
C GLN B 377 36.17 20.86 -8.62
N ALA B 378 37.13 19.95 -8.68
CA ALA B 378 37.61 19.45 -9.96
C ALA B 378 36.61 18.48 -10.60
N GLN B 379 36.01 17.60 -9.79
CA GLN B 379 35.09 16.60 -10.32
C GLN B 379 33.80 17.24 -10.82
N LEU B 380 33.33 18.26 -10.10
CA LEU B 380 32.09 18.94 -10.43
C LEU B 380 32.30 20.04 -11.47
N GLN B 381 33.52 20.15 -11.99
CA GLN B 381 33.84 21.20 -12.95
C GLN B 381 33.13 20.94 -14.27
N GLU B 382 32.95 19.66 -14.59
CA GLU B 382 32.35 19.25 -15.85
C GLU B 382 30.90 19.75 -15.98
N ARG B 383 30.23 19.91 -14.85
CA ARG B 383 28.84 20.41 -14.85
C ARG B 383 28.80 21.91 -14.57
N ASN B 384 28.01 22.64 -15.33
CA ASN B 384 27.90 24.09 -15.22
C ASN B 384 26.87 24.52 -14.17
N ASP B 385 27.32 24.78 -12.95
CA ASP B 385 26.42 25.16 -11.85
C ASP B 385 26.20 26.67 -11.83
N PRO B 386 25.05 27.10 -11.26
CA PRO B 386 24.69 28.52 -11.19
C PRO B 386 25.64 29.35 -10.33
N GLN B 387 25.73 30.65 -10.63
CA GLN B 387 26.66 31.55 -9.95
C GLN B 387 26.13 32.04 -8.60
N GLN B 388 24.82 31.91 -8.40
CA GLN B 388 24.20 32.34 -7.14
C GLN B 388 24.36 31.26 -6.07
N LEU B 389 24.88 31.67 -4.92
CA LEU B 389 25.14 30.75 -3.81
C LEU B 389 23.85 30.31 -3.13
N LEU B 390 22.98 31.28 -2.86
CA LEU B 390 21.77 31.07 -2.09
C LEU B 390 20.58 30.79 -2.99
N LEU B 391 19.57 30.12 -2.45
CA LEU B 391 18.34 29.87 -3.20
C LEU B 391 17.40 31.05 -3.06
N ASP B 392 16.49 31.23 -4.02
CA ASP B 392 15.48 32.28 -3.87
C ASP B 392 14.35 31.80 -2.96
N ALA B 393 14.35 32.21 -1.70
CA ALA B 393 13.39 31.71 -0.72
C ALA B 393 11.97 32.17 -1.03
N LYS B 394 11.87 33.21 -1.86
CA LYS B 394 10.60 33.81 -2.21
C LYS B 394 10.15 33.36 -3.60
N HIS B 395 10.83 32.38 -4.18
CA HIS B 395 10.45 31.90 -5.50
C HIS B 395 9.04 31.36 -5.43
N MET B 396 8.23 31.66 -6.44
CA MET B 396 6.84 31.24 -6.41
C MET B 396 6.45 30.41 -7.63
N PHE B 397 6.06 29.15 -7.41
CA PHE B 397 5.71 28.27 -8.52
C PHE B 397 4.44 28.76 -9.17
N PRO B 398 4.40 28.77 -10.51
CA PRO B 398 3.15 29.14 -11.17
C PRO B 398 2.09 28.08 -10.92
N VAL B 399 0.90 28.50 -10.54
CA VAL B 399 -0.14 27.55 -10.16
C VAL B 399 -1.08 27.19 -11.32
N LEU B 400 -1.51 25.94 -11.33
CA LEU B 400 -2.52 25.48 -12.27
C LEU B 400 -3.83 25.31 -11.52
N PHE B 401 -4.84 26.09 -11.89
CA PHE B 401 -6.17 25.98 -11.27
C PHE B 401 -7.00 24.97 -12.04
N PRO B 402 -7.44 23.91 -11.37
CA PRO B 402 -8.22 22.94 -12.15
C PRO B 402 -9.66 23.41 -12.40
N PHE B 403 -10.38 22.69 -13.24
CA PHE B 403 -11.82 22.85 -13.35
C PHE B 403 -12.53 21.68 -12.63
N ASN B 404 -13.31 22.02 -11.59
CA ASN B 404 -14.00 21.01 -10.77
C ASN B 404 -15.51 21.16 -10.68
N PRO B 405 -16.22 20.74 -11.72
CA PRO B 405 -17.69 20.88 -11.69
C PRO B 405 -18.27 20.10 -10.53
N SER B 406 -19.30 20.65 -9.90
CA SER B 406 -19.92 19.98 -8.76
C SER B 406 -21.20 19.26 -9.18
N SER B 407 -21.90 18.66 -8.22
CA SER B 407 -23.16 18.00 -8.51
C SER B 407 -24.33 18.72 -7.82
N LEU B 408 -24.03 19.81 -7.11
CA LEU B 408 -25.08 20.65 -6.54
C LEU B 408 -26.02 21.14 -7.66
N THR B 409 -27.31 21.30 -7.34
CA THR B 409 -28.28 21.76 -8.34
C THR B 409 -28.84 23.13 -7.94
N MET B 410 -28.93 24.05 -8.89
CA MET B 410 -29.27 25.42 -8.54
C MET B 410 -30.65 25.51 -7.85
N ASP B 411 -31.57 24.65 -8.28
CA ASP B 411 -32.95 24.72 -7.79
C ASP B 411 -33.15 24.09 -6.40
N SER B 412 -32.10 23.57 -5.80
CA SER B 412 -32.18 23.01 -4.44
C SER B 412 -31.44 23.90 -3.43
N ILE B 413 -30.83 24.96 -3.92
CA ILE B 413 -30.10 25.90 -3.09
C ILE B 413 -31.01 27.04 -2.61
N HIS B 414 -31.08 27.21 -1.29
CA HIS B 414 -31.85 28.28 -0.68
C HIS B 414 -30.96 29.01 0.32
N ILE B 415 -31.06 30.34 0.32
CA ILE B 415 -30.24 31.19 1.18
C ILE B 415 -30.65 31.06 2.64
N PRO B 416 -29.69 30.78 3.53
CA PRO B 416 -30.01 30.78 4.96
C PRO B 416 -30.38 32.20 5.44
N ALA B 417 -31.21 32.30 6.47
CA ALA B 417 -31.70 33.61 6.92
C ALA B 417 -30.57 34.49 7.47
N CYS B 418 -29.49 33.87 7.91
CA CYS B 418 -28.39 34.57 8.56
C CYS B 418 -27.60 35.49 7.61
N LEU B 419 -27.93 35.42 6.32
CA LEU B 419 -27.20 36.17 5.30
C LEU B 419 -27.84 37.53 4.97
N ASN B 420 -29.09 37.71 5.39
CA ASN B 420 -29.83 38.96 5.14
C ASN B 420 -29.98 39.28 3.67
N LEU B 421 -30.56 38.34 2.92
CA LEU B 421 -30.85 38.53 1.51
C LEU B 421 -32.32 38.25 1.23
N GLU B 422 -33.18 38.64 2.17
CA GLU B 422 -34.62 38.49 2.00
C GLU B 422 -35.10 39.24 0.76
N PHE B 423 -34.39 40.31 0.41
CA PHE B 423 -34.76 41.15 -0.72
C PHE B 423 -34.45 40.48 -2.07
N LEU B 424 -33.77 39.35 -2.04
CA LEU B 424 -33.61 38.56 -3.25
C LEU B 424 -34.85 37.69 -3.45
N ASN B 425 -35.38 37.68 -4.67
CA ASN B 425 -36.59 36.92 -4.95
C ASN B 425 -36.23 35.66 -5.71
N GLU B 426 -36.79 34.54 -5.27
CA GLU B 426 -36.50 33.27 -5.91
C GLU B 426 -37.37 33.14 -7.15
N VAL B 427 -36.73 33.06 -8.30
CA VAL B 427 -37.44 32.87 -9.55
C VAL B 427 -37.10 31.49 -10.10
N TYR C 10 -17.62 -15.61 17.97
CA TYR C 10 -18.82 -14.80 17.91
C TYR C 10 -18.85 -14.05 16.59
N LEU C 11 -19.47 -14.67 15.59
CA LEU C 11 -19.54 -14.13 14.23
C LEU C 11 -20.70 -13.13 14.03
N PHE C 12 -20.38 -11.84 13.89
CA PHE C 12 -21.39 -10.81 13.60
C PHE C 12 -21.60 -10.62 12.09
N LYS C 13 -22.87 -10.47 11.68
CA LYS C 13 -23.18 -10.11 10.31
C LYS C 13 -23.61 -8.62 10.25
N VAL C 14 -22.79 -7.80 9.60
CA VAL C 14 -23.07 -6.37 9.41
C VAL C 14 -23.28 -6.06 7.93
N VAL C 15 -24.33 -5.31 7.63
CA VAL C 15 -24.75 -5.12 6.26
C VAL C 15 -24.52 -3.69 5.74
N LEU C 16 -24.26 -3.58 4.44
CA LEU C 16 -24.04 -2.27 3.81
C LEU C 16 -25.20 -1.91 2.88
N ILE C 17 -25.96 -0.90 3.28
CA ILE C 17 -27.05 -0.39 2.43
C ILE C 17 -26.82 1.09 2.08
N GLY C 18 -27.58 1.53 1.09
CA GLY C 18 -27.43 2.86 0.52
C GLY C 18 -27.27 2.82 -1.00
N ASP C 19 -27.33 4.01 -1.60
CA ASP C 19 -27.44 4.15 -3.04
C ASP C 19 -26.27 3.56 -3.80
N SER C 20 -26.49 3.25 -5.08
CA SER C 20 -25.39 2.87 -5.94
C SER C 20 -24.42 4.04 -6.12
N GLY C 21 -23.13 3.78 -5.94
CA GLY C 21 -22.10 4.76 -6.21
C GLY C 21 -21.66 5.59 -5.02
N VAL C 22 -22.28 5.38 -3.87
CA VAL C 22 -21.86 6.06 -2.65
C VAL C 22 -20.55 5.48 -2.08
N GLY C 23 -20.10 4.35 -2.60
CA GLY C 23 -18.82 3.78 -2.16
C GLY C 23 -18.86 2.58 -1.20
N LYS C 24 -20.04 2.00 -0.98
CA LYS C 24 -20.19 0.91 -0.05
C LYS C 24 -19.16 -0.22 -0.27
N SER C 25 -18.98 -0.65 -1.51
CA SER C 25 -17.99 -1.69 -1.84
C SER C 25 -16.56 -1.29 -1.46
N ASN C 26 -16.22 -0.01 -1.65
CA ASN C 26 -14.89 0.47 -1.34
C ASN C 26 -14.61 0.64 0.14
N LEU C 27 -15.59 1.12 0.91
CA LEU C 27 -15.50 1.03 2.37
C LEU C 27 -15.18 -0.43 2.78
N LEU C 28 -15.79 -1.38 2.09
CA LEU C 28 -15.62 -2.79 2.44
C LEU C 28 -14.20 -3.27 2.11
N SER C 29 -13.68 -2.84 0.95
CA SER C 29 -12.33 -3.23 0.52
C SER C 29 -11.27 -2.50 1.36
N ARG C 30 -11.59 -1.30 1.80
CA ARG C 30 -10.70 -0.58 2.70
C ARG C 30 -10.59 -1.29 4.05
N PHE C 31 -11.72 -1.70 4.60
CA PHE C 31 -11.73 -2.31 5.92
C PHE C 31 -11.12 -3.70 5.92
N THR C 32 -11.47 -4.50 4.92
CA THR C 32 -11.08 -5.92 4.92
C THR C 32 -9.68 -6.14 4.40
N ARG C 33 -9.29 -5.39 3.36
CA ARG C 33 -7.98 -5.58 2.74
C ARG C 33 -7.29 -4.26 2.42
N ASN C 34 -7.75 -3.17 3.03
CA ASN C 34 -7.03 -1.92 2.95
C ASN C 34 -6.74 -1.56 1.50
N GLU C 35 -7.71 -1.83 0.62
CA GLU C 35 -7.60 -1.51 -0.79
C GLU C 35 -8.70 -0.56 -1.21
N PHE C 36 -8.43 0.18 -2.28
CA PHE C 36 -9.39 1.10 -2.84
C PHE C 36 -9.15 1.14 -4.33
N ASN C 37 -10.22 1.26 -5.09
CA ASN C 37 -10.11 1.32 -6.54
C ASN C 37 -10.84 2.53 -7.05
N LEU C 38 -10.16 3.33 -7.87
CA LEU C 38 -10.81 4.47 -8.49
C LEU C 38 -11.76 3.98 -9.56
N GLU C 39 -11.51 2.79 -10.09
CA GLU C 39 -12.37 2.25 -11.14
C GLU C 39 -13.47 1.41 -10.50
N SER C 40 -14.66 1.97 -10.45
CA SER C 40 -15.81 1.33 -9.80
C SER C 40 -16.14 -0.01 -10.43
N LYS C 41 -16.02 -1.09 -9.66
CA LYS C 41 -16.50 -2.40 -10.09
C LYS C 41 -17.97 -2.58 -9.71
N SER C 42 -18.75 -3.18 -10.60
CA SER C 42 -20.16 -3.42 -10.31
C SER C 42 -20.37 -4.58 -9.34
N THR C 43 -21.10 -4.33 -8.27
CA THR C 43 -21.41 -5.35 -7.28
C THR C 43 -22.65 -6.15 -7.68
N ILE C 44 -22.42 -7.40 -8.10
CA ILE C 44 -23.48 -8.23 -8.62
C ILE C 44 -24.02 -9.15 -7.53
N GLY C 45 -25.33 -9.27 -7.47
CA GLY C 45 -25.95 -10.06 -6.42
C GLY C 45 -25.50 -9.58 -5.06
N VAL C 46 -25.41 -10.50 -4.10
CA VAL C 46 -24.79 -10.20 -2.83
C VAL C 46 -23.32 -10.59 -2.90
N GLU C 47 -22.45 -9.73 -2.35
CA GLU C 47 -21.02 -10.00 -2.23
C GLU C 47 -20.57 -9.98 -0.75
N PHE C 48 -19.41 -10.55 -0.47
CA PHE C 48 -19.01 -10.69 0.92
C PHE C 48 -17.54 -10.47 1.11
N ALA C 49 -17.20 -9.89 2.25
CA ALA C 49 -15.84 -9.98 2.75
C ALA C 49 -15.91 -9.93 4.27
N THR C 50 -14.97 -10.61 4.91
CA THR C 50 -14.91 -10.63 6.36
C THR C 50 -13.58 -10.12 6.87
N ARG C 51 -13.54 -9.82 8.16
CA ARG C 51 -12.31 -9.48 8.83
C ARG C 51 -12.51 -9.75 10.31
N SER C 52 -11.56 -10.43 10.91
CA SER C 52 -11.62 -10.65 12.35
C SER C 52 -10.97 -9.48 13.08
N ILE C 53 -11.36 -9.28 14.33
CA ILE C 53 -10.75 -8.24 15.15
C ILE C 53 -10.59 -8.71 16.60
N GLN C 54 -10.07 -7.82 17.43
CA GLN C 54 -9.93 -8.09 18.85
C GLN C 54 -10.77 -7.09 19.61
N VAL C 55 -11.71 -7.61 20.39
CA VAL C 55 -12.60 -6.79 21.21
C VAL C 55 -12.52 -7.30 22.63
N ASP C 56 -11.48 -6.86 23.35
CA ASP C 56 -11.28 -7.30 24.72
C ASP C 56 -11.30 -8.82 24.77
N GLY C 57 -10.26 -9.44 24.21
CA GLY C 57 -10.03 -10.86 24.34
C GLY C 57 -11.10 -11.75 23.73
N LYS C 58 -11.68 -11.31 22.62
CA LYS C 58 -12.69 -12.10 21.95
C LYS C 58 -12.46 -12.16 20.44
N THR C 59 -12.77 -13.32 19.86
CA THR C 59 -12.58 -13.55 18.43
C THR C 59 -13.83 -13.19 17.63
N ILE C 60 -14.07 -11.89 17.47
CA ILE C 60 -15.25 -11.39 16.73
C ILE C 60 -14.92 -11.19 15.25
N LYS C 61 -15.34 -12.17 14.45
CA LYS C 61 -15.16 -12.16 13.01
C LYS C 61 -16.30 -11.37 12.35
N ALA C 62 -15.99 -10.16 11.86
CA ALA C 62 -17.02 -9.32 11.24
C ALA C 62 -17.40 -9.91 9.88
N GLN C 63 -18.69 -10.03 9.63
CA GLN C 63 -19.14 -10.61 8.38
C GLN C 63 -19.89 -9.56 7.57
N ILE C 64 -19.15 -8.80 6.76
CA ILE C 64 -19.71 -7.65 6.07
C ILE C 64 -20.41 -8.05 4.77
N TRP C 65 -21.67 -7.66 4.67
CA TRP C 65 -22.47 -7.98 3.50
C TRP C 65 -22.56 -6.75 2.59
N ASP C 66 -22.56 -6.99 1.28
CA ASP C 66 -22.50 -5.91 0.29
C ASP C 66 -23.37 -6.29 -0.92
N THR C 67 -24.10 -5.32 -1.48
CA THR C 67 -25.12 -5.63 -2.51
C THR C 67 -25.25 -4.61 -3.62
N ALA C 68 -25.68 -5.05 -4.79
CA ALA C 68 -25.86 -4.15 -5.93
C ALA C 68 -26.62 -2.90 -5.50
N THR C 77 -34.05 -9.96 -1.37
CA THR C 77 -34.04 -8.95 -0.31
C THR C 77 -34.23 -9.55 1.09
N SER C 78 -35.42 -10.04 1.39
CA SER C 78 -35.60 -10.69 2.68
C SER C 78 -34.38 -11.59 2.91
N ALA C 79 -33.81 -12.04 1.80
CA ALA C 79 -32.57 -12.78 1.82
C ALA C 79 -31.50 -12.06 2.66
N TYR C 80 -31.22 -10.82 2.28
CA TYR C 80 -30.07 -10.05 2.76
C TYR C 80 -30.13 -9.60 4.22
N TYR C 81 -31.32 -9.30 4.73
CA TYR C 81 -31.42 -8.55 5.97
C TYR C 81 -31.52 -9.48 7.17
N ARG C 82 -32.14 -10.64 7.01
CA ARG C 82 -32.30 -11.53 8.14
C ARG C 82 -30.92 -11.81 8.72
N GLY C 83 -30.87 -11.98 10.03
CA GLY C 83 -29.64 -12.34 10.70
C GLY C 83 -28.73 -11.19 11.06
N ALA C 84 -28.68 -10.19 10.18
CA ALA C 84 -27.80 -9.04 10.37
C ALA C 84 -28.12 -8.36 11.69
N VAL C 85 -27.06 -8.09 12.46
CA VAL C 85 -27.19 -7.44 13.75
C VAL C 85 -26.72 -6.01 13.62
N GLY C 86 -26.47 -5.57 12.37
CA GLY C 86 -25.77 -4.32 12.14
C GLY C 86 -25.83 -3.79 10.71
N ALA C 87 -26.05 -2.50 10.57
CA ALA C 87 -26.21 -1.93 9.25
C ALA C 87 -25.45 -0.62 9.11
N LEU C 88 -24.69 -0.52 8.03
CA LEU C 88 -24.05 0.72 7.67
C LEU C 88 -24.89 1.32 6.57
N LEU C 89 -25.43 2.50 6.83
CA LEU C 89 -26.28 3.19 5.86
C LEU C 89 -25.49 4.33 5.25
N VAL C 90 -25.01 4.11 4.04
CA VAL C 90 -24.03 5.00 3.44
C VAL C 90 -24.59 5.89 2.32
N TYR C 91 -24.23 7.17 2.35
CA TYR C 91 -24.54 8.10 1.27
C TYR C 91 -23.27 8.86 0.90
N ASP C 92 -23.35 9.64 -0.17
CA ASP C 92 -22.22 10.37 -0.75
C ASP C 92 -22.34 11.87 -0.48
N ILE C 93 -21.44 12.42 0.34
CA ILE C 93 -21.60 13.82 0.79
C ILE C 93 -21.57 14.82 -0.37
N ALA C 94 -21.15 14.39 -1.54
CA ALA C 94 -21.14 15.29 -2.68
C ALA C 94 -22.34 15.07 -3.60
N LYS C 95 -23.35 14.34 -3.13
CA LYS C 95 -24.52 14.05 -3.97
C LYS C 95 -25.80 13.98 -3.14
N HIS C 96 -26.37 15.16 -2.86
CA HIS C 96 -27.49 15.31 -1.93
C HIS C 96 -28.60 14.27 -2.14
N LEU C 97 -28.72 13.78 -3.37
CA LEU C 97 -29.74 12.77 -3.70
C LEU C 97 -29.53 11.43 -2.98
N THR C 98 -28.28 10.98 -2.87
CA THR C 98 -27.97 9.72 -2.19
C THR C 98 -28.32 9.81 -0.71
N TYR C 99 -28.29 11.03 -0.20
CA TYR C 99 -28.69 11.33 1.17
C TYR C 99 -30.22 11.52 1.35
N GLU C 100 -30.89 12.00 0.32
CA GLU C 100 -32.34 12.11 0.39
C GLU C 100 -32.90 10.69 0.45
N ASN C 101 -32.33 9.81 -0.37
CA ASN C 101 -32.81 8.45 -0.48
C ASN C 101 -32.57 7.61 0.79
N VAL C 102 -31.94 8.20 1.80
CA VAL C 102 -31.58 7.45 3.02
C VAL C 102 -32.82 6.90 3.75
N GLU C 103 -33.89 7.68 3.78
CA GLU C 103 -35.14 7.28 4.44
C GLU C 103 -35.82 6.12 3.72
N ARG C 104 -35.63 6.05 2.40
CA ARG C 104 -36.09 4.90 1.61
C ARG C 104 -35.31 3.65 1.97
N TRP C 105 -34.02 3.81 2.26
CA TRP C 105 -33.20 2.71 2.75
C TRP C 105 -33.55 2.39 4.22
N LEU C 106 -33.77 3.41 5.04
CA LEU C 106 -34.24 3.17 6.41
C LEU C 106 -35.55 2.33 6.40
N LYS C 107 -36.48 2.71 5.53
CA LYS C 107 -37.76 2.01 5.43
C LYS C 107 -37.56 0.55 4.95
N GLU C 108 -36.75 0.33 3.92
CA GLU C 108 -36.54 -1.03 3.46
C GLU C 108 -35.75 -1.81 4.49
N LEU C 109 -35.09 -1.10 5.40
CA LEU C 109 -34.38 -1.76 6.49
C LEU C 109 -35.38 -2.14 7.57
N ARG C 110 -36.08 -1.15 8.10
CA ARG C 110 -37.02 -1.37 9.19
C ARG C 110 -38.06 -2.43 8.81
N ASP C 111 -38.33 -2.56 7.51
CA ASP C 111 -39.27 -3.57 7.01
C ASP C 111 -38.71 -4.99 7.11
N HIS C 112 -37.45 -5.18 6.72
CA HIS C 112 -36.88 -6.52 6.56
C HIS C 112 -35.96 -6.97 7.70
N ALA C 113 -35.37 -6.04 8.42
CA ALA C 113 -34.40 -6.42 9.46
C ALA C 113 -35.01 -6.41 10.84
N ASP C 114 -34.35 -7.09 11.77
CA ASP C 114 -34.72 -7.03 13.17
C ASP C 114 -34.85 -5.57 13.60
N SER C 115 -35.68 -5.35 14.62
CA SER C 115 -35.83 -4.03 15.21
C SER C 115 -34.57 -3.61 15.96
N ASN C 116 -33.85 -4.60 16.49
CA ASN C 116 -32.74 -4.34 17.39
C ASN C 116 -31.40 -4.17 16.66
N ILE C 117 -31.46 -4.00 15.34
CA ILE C 117 -30.25 -3.87 14.54
C ILE C 117 -29.57 -2.54 14.87
N VAL C 118 -28.23 -2.54 14.97
CA VAL C 118 -27.50 -1.28 15.11
C VAL C 118 -27.29 -0.68 13.72
N ILE C 119 -27.72 0.57 13.55
CA ILE C 119 -27.68 1.24 12.26
C ILE C 119 -26.82 2.49 12.37
N MET C 120 -25.71 2.51 11.63
CA MET C 120 -24.87 3.69 11.54
C MET C 120 -25.03 4.40 10.19
N LEU C 121 -25.39 5.68 10.23
CA LEU C 121 -25.45 6.51 9.03
C LEU C 121 -24.04 6.98 8.70
N VAL C 122 -23.56 6.60 7.52
CA VAL C 122 -22.18 6.94 7.13
C VAL C 122 -22.09 7.86 5.91
N GLY C 123 -21.67 9.11 6.14
CA GLY C 123 -21.35 10.03 5.05
C GLY C 123 -19.97 9.76 4.44
N ASN C 124 -19.96 9.12 3.27
CA ASN C 124 -18.70 8.78 2.63
C ASN C 124 -18.24 9.84 1.60
N LYS C 125 -16.98 9.73 1.17
CA LYS C 125 -16.33 10.67 0.27
C LYS C 125 -16.15 12.03 0.92
N SER C 126 -15.65 12.01 2.16
CA SER C 126 -15.41 13.23 2.89
C SER C 126 -14.17 13.96 2.41
N ASP C 127 -13.42 13.36 1.49
CA ASP C 127 -12.28 14.02 0.88
C ASP C 127 -12.69 15.01 -0.20
N LEU C 128 -13.93 14.88 -0.68
CA LEU C 128 -14.47 15.85 -1.64
C LEU C 128 -15.03 17.07 -0.91
N ARG C 129 -14.27 17.68 0.00
CA ARG C 129 -14.78 18.79 0.82
C ARG C 129 -15.22 19.94 -0.07
N HIS C 130 -14.61 20.02 -1.24
CA HIS C 130 -14.88 21.10 -2.18
C HIS C 130 -16.15 20.88 -3.00
N LEU C 131 -16.77 19.71 -2.85
CA LEU C 131 -17.95 19.35 -3.61
C LEU C 131 -19.14 19.10 -2.70
N ARG C 132 -18.92 19.31 -1.41
CA ARG C 132 -19.91 18.92 -0.42
C ARG C 132 -21.30 19.43 -0.82
N ALA C 133 -22.25 18.51 -0.91
CA ALA C 133 -23.67 18.87 -1.07
C ALA C 133 -24.50 18.62 0.19
N VAL C 134 -23.94 17.90 1.17
CA VAL C 134 -24.67 17.57 2.40
C VAL C 134 -23.91 18.04 3.63
N PRO C 135 -24.35 19.15 4.25
CA PRO C 135 -23.62 19.66 5.42
C PRO C 135 -23.63 18.69 6.59
N THR C 136 -22.51 18.54 7.29
CA THR C 136 -22.39 17.54 8.37
C THR C 136 -23.42 17.77 9.47
N ASP C 137 -23.63 19.04 9.83
CA ASP C 137 -24.59 19.38 10.86
C ASP C 137 -25.96 18.78 10.56
N GLU C 138 -26.36 18.83 9.29
CA GLU C 138 -27.68 18.36 8.86
C GLU C 138 -27.85 16.83 8.93
N ALA C 139 -26.79 16.09 8.63
CA ALA C 139 -26.85 14.63 8.67
C ALA C 139 -26.74 14.11 10.10
N ARG C 140 -25.92 14.77 10.92
CA ARG C 140 -25.80 14.41 12.32
C ARG C 140 -27.15 14.51 13.01
N ALA C 141 -27.88 15.58 12.71
CA ALA C 141 -29.20 15.79 13.30
C ALA C 141 -30.13 14.65 12.89
N PHE C 142 -30.19 14.37 11.59
CA PHE C 142 -31.07 13.31 11.08
C PHE C 142 -30.71 11.96 11.70
N ALA C 143 -29.45 11.79 12.08
CA ALA C 143 -28.98 10.57 12.72
C ALA C 143 -29.54 10.43 14.14
N GLU C 144 -29.37 11.48 14.95
CA GLU C 144 -29.89 11.50 16.31
C GLU C 144 -31.42 11.36 16.30
N LYS C 145 -32.07 12.00 15.33
CA LYS C 145 -33.53 11.98 15.26
C LYS C 145 -34.04 10.55 15.07
N ASN C 146 -33.46 9.79 14.14
CA ASN C 146 -33.90 8.42 13.91
C ASN C 146 -33.17 7.39 14.77
N GLY C 147 -32.32 7.88 15.67
CA GLY C 147 -31.59 7.03 16.61
C GLY C 147 -30.36 6.38 16.02
N LEU C 148 -29.87 6.91 14.90
CA LEU C 148 -28.72 6.32 14.22
C LEU C 148 -27.41 6.89 14.77
N SER C 149 -26.36 6.10 14.63
CA SER C 149 -25.01 6.55 14.98
C SER C 149 -24.42 7.20 13.74
N PHE C 150 -23.56 8.20 13.92
CA PHE C 150 -23.12 8.99 12.78
C PHE C 150 -21.62 9.16 12.62
N ILE C 151 -21.16 9.00 11.38
CA ILE C 151 -19.75 9.23 11.08
C ILE C 151 -19.53 9.61 9.62
N GLU C 152 -18.53 10.43 9.37
CA GLU C 152 -18.12 10.73 8.00
C GLU C 152 -16.81 10.02 7.67
N THR C 153 -16.80 9.32 6.54
CA THR C 153 -15.62 8.56 6.16
C THR C 153 -15.11 8.92 4.78
N SER C 154 -13.89 8.47 4.48
CA SER C 154 -13.39 8.56 3.15
C SER C 154 -12.63 7.29 2.82
N ALA C 155 -13.25 6.41 2.06
CA ALA C 155 -12.57 5.19 1.66
C ALA C 155 -11.33 5.50 0.84
N LEU C 156 -11.32 6.66 0.20
CA LEU C 156 -10.24 6.98 -0.74
C LEU C 156 -8.95 7.33 0.00
N ASP C 157 -9.05 8.10 1.09
CA ASP C 157 -7.88 8.36 1.92
C ASP C 157 -7.94 7.67 3.29
N SER C 158 -9.03 6.94 3.55
CA SER C 158 -9.14 6.03 4.70
C SER C 158 -9.52 6.71 5.99
N THR C 159 -9.71 8.03 5.95
CA THR C 159 -10.14 8.74 7.15
C THR C 159 -11.42 8.11 7.74
N ASN C 160 -11.36 7.74 9.02
CA ASN C 160 -12.53 7.26 9.79
C ASN C 160 -13.14 5.92 9.37
N VAL C 161 -12.55 5.24 8.38
CA VAL C 161 -13.03 3.93 7.97
C VAL C 161 -12.83 2.93 9.08
N GLU C 162 -11.69 2.99 9.76
CA GLU C 162 -11.47 2.10 10.89
C GLU C 162 -12.42 2.47 12.03
N ALA C 163 -12.52 3.76 12.32
CA ALA C 163 -13.41 4.22 13.38
C ALA C 163 -14.82 3.71 13.16
N ALA C 164 -15.30 3.75 11.92
CA ALA C 164 -16.67 3.36 11.63
C ALA C 164 -16.93 1.90 12.00
N PHE C 165 -16.08 1.02 11.49
CA PHE C 165 -16.32 -0.40 11.68
C PHE C 165 -16.00 -0.84 13.12
N GLN C 166 -15.12 -0.12 13.79
CA GLN C 166 -14.82 -0.41 15.19
C GLN C 166 -16.01 0.01 16.04
N THR C 167 -16.55 1.19 15.75
CA THR C 167 -17.62 1.78 16.54
C THR C 167 -18.88 0.93 16.48
N ILE C 168 -19.33 0.60 15.27
CA ILE C 168 -20.54 -0.21 15.12
C ILE C 168 -20.35 -1.65 15.64
N LEU C 169 -19.13 -2.18 15.52
CA LEU C 169 -18.82 -3.52 16.03
C LEU C 169 -18.89 -3.51 17.55
N THR C 170 -18.29 -2.49 18.16
CA THR C 170 -18.43 -2.26 19.60
C THR C 170 -19.93 -2.28 19.98
N GLU C 171 -20.75 -1.59 19.18
CA GLU C 171 -22.17 -1.48 19.46
C GLU C 171 -22.88 -2.84 19.49
N ILE C 172 -22.60 -3.68 18.49
CA ILE C 172 -23.22 -5.01 18.45
C ILE C 172 -22.35 -6.06 19.15
N SER D 33 66.81 -47.02 0.62
CA SER D 33 66.09 -47.01 1.88
C SER D 33 64.56 -47.00 1.74
N MET D 34 63.98 -46.00 1.06
CA MET D 34 62.51 -45.85 0.96
C MET D 34 61.94 -46.15 -0.44
N GLN D 35 60.63 -46.39 -0.53
CA GLN D 35 60.02 -46.79 -1.81
C GLN D 35 59.14 -45.71 -2.41
N VAL D 36 59.41 -45.35 -3.66
CA VAL D 36 58.68 -44.26 -4.33
C VAL D 36 57.17 -44.49 -4.34
N THR D 37 56.42 -43.48 -3.89
CA THR D 37 54.94 -43.50 -3.88
C THR D 37 54.32 -42.14 -4.20
N VAL D 38 53.35 -42.14 -5.10
CA VAL D 38 52.57 -40.93 -5.40
C VAL D 38 51.73 -40.45 -4.21
N GLN D 39 52.24 -39.48 -3.45
CA GLN D 39 51.50 -38.93 -2.32
C GLN D 39 50.36 -38.06 -2.80
N ARG D 40 49.69 -37.40 -1.86
CA ARG D 40 48.48 -36.62 -2.13
C ARG D 40 48.66 -35.18 -1.63
N LYS D 41 48.27 -34.21 -2.44
CA LYS D 41 48.45 -32.82 -2.06
C LYS D 41 47.52 -32.48 -0.89
N GLU D 42 47.88 -31.46 -0.13
CA GLU D 42 47.04 -31.00 0.97
C GLU D 42 46.45 -29.67 0.56
N LYS D 43 45.19 -29.44 0.90
CA LYS D 43 44.53 -28.17 0.55
C LYS D 43 43.23 -27.95 1.32
N ASP D 44 42.92 -26.68 1.57
CA ASP D 44 41.70 -26.34 2.30
C ASP D 44 40.49 -26.83 1.52
N PHE D 45 39.40 -27.09 2.25
CA PHE D 45 38.16 -27.60 1.67
C PHE D 45 37.70 -26.73 0.53
N GLN D 46 37.51 -27.33 -0.63
CA GLN D 46 37.17 -26.59 -1.83
C GLN D 46 35.67 -26.68 -2.16
N GLY D 47 34.95 -27.53 -1.42
CA GLY D 47 33.53 -27.70 -1.64
C GLY D 47 33.19 -28.81 -2.61
N MET D 48 34.03 -29.82 -2.69
CA MET D 48 33.72 -31.00 -3.49
C MET D 48 33.59 -32.18 -2.54
N LEU D 49 32.98 -33.27 -3.00
CA LEU D 49 32.83 -34.49 -2.20
C LEU D 49 33.24 -35.71 -3.00
N GLU D 50 34.17 -36.47 -2.46
CA GLU D 50 34.70 -37.62 -3.17
C GLU D 50 34.12 -38.89 -2.59
N TYR D 51 33.91 -39.87 -3.45
CA TYR D 51 33.56 -41.21 -3.03
C TYR D 51 34.19 -42.17 -4.02
N HIS D 52 34.51 -43.38 -3.58
CA HIS D 52 35.08 -44.38 -4.46
C HIS D 52 33.92 -45.16 -5.09
N LYS D 53 34.07 -45.57 -6.34
CA LYS D 53 32.98 -46.19 -7.10
C LYS D 53 32.37 -47.42 -6.41
N GLU D 54 33.09 -47.97 -5.44
CA GLU D 54 32.62 -49.15 -4.72
C GLU D 54 31.45 -48.82 -3.79
N ASP D 55 31.26 -47.54 -3.49
CA ASP D 55 30.26 -47.13 -2.52
C ASP D 55 29.11 -46.35 -3.12
N GLU D 56 28.99 -46.34 -4.44
CA GLU D 56 27.99 -45.52 -5.09
C GLU D 56 26.58 -45.87 -4.64
N ALA D 57 26.32 -47.17 -4.52
CA ALA D 57 25.00 -47.65 -4.10
C ALA D 57 24.66 -47.14 -2.71
N LEU D 58 25.62 -47.27 -1.79
CA LEU D 58 25.42 -46.84 -0.42
C LEU D 58 25.12 -45.34 -0.39
N LEU D 59 25.75 -44.60 -1.29
CA LEU D 59 25.52 -43.15 -1.43
C LEU D 59 24.09 -42.88 -1.87
N ILE D 60 23.62 -43.64 -2.86
CA ILE D 60 22.26 -43.49 -3.36
C ILE D 60 21.25 -43.94 -2.30
N ARG D 61 21.64 -44.93 -1.50
CA ARG D 61 20.74 -45.47 -0.49
C ARG D 61 20.52 -44.53 0.68
N ASN D 62 21.58 -43.88 1.16
CA ASN D 62 21.44 -43.05 2.35
C ASN D 62 21.01 -41.64 2.02
N LEU D 63 21.27 -41.24 0.77
CA LEU D 63 21.04 -39.87 0.30
C LEU D 63 19.79 -39.74 -0.58
N VAL D 64 19.31 -40.86 -1.11
CA VAL D 64 18.09 -40.84 -1.92
C VAL D 64 17.05 -41.81 -1.37
N THR D 65 17.29 -43.10 -1.53
CA THR D 65 16.28 -44.13 -1.30
C THR D 65 15.77 -44.26 0.13
N ASP D 66 16.66 -44.25 1.10
CA ASP D 66 16.29 -44.44 2.51
C ASP D 66 15.98 -43.12 3.21
N LEU D 67 16.20 -42.01 2.51
CA LEU D 67 16.13 -40.70 3.13
C LEU D 67 14.68 -40.23 3.31
N LYS D 68 14.24 -40.17 4.55
CA LYS D 68 12.92 -39.69 4.87
C LYS D 68 13.05 -38.23 5.23
N PRO D 69 12.21 -37.37 4.60
CA PRO D 69 12.31 -35.91 4.76
C PRO D 69 12.39 -35.45 6.22
N GLN D 70 11.76 -36.18 7.14
CA GLN D 70 11.67 -35.75 8.54
C GLN D 70 13.04 -35.75 9.22
N MET D 71 14.00 -36.44 8.63
CA MET D 71 15.36 -36.54 9.17
C MET D 71 16.06 -35.21 9.01
N LEU D 72 15.75 -34.52 7.91
CA LEU D 72 16.46 -33.30 7.56
C LEU D 72 15.88 -32.07 8.23
N SER D 73 14.93 -32.26 9.15
CA SER D 73 14.39 -31.13 9.89
C SER D 73 15.48 -30.43 10.71
N GLY D 74 15.51 -29.11 10.64
CA GLY D 74 16.52 -28.34 11.34
C GLY D 74 17.68 -27.93 10.46
N THR D 75 17.69 -28.42 9.22
CA THR D 75 18.73 -28.03 8.25
C THR D 75 18.13 -27.12 7.18
N VAL D 76 18.96 -26.60 6.29
CA VAL D 76 18.48 -25.77 5.21
C VAL D 76 17.82 -26.71 4.22
N PRO D 77 16.93 -26.17 3.38
CA PRO D 77 16.24 -27.04 2.44
C PRO D 77 17.11 -27.45 1.29
N CYS D 78 16.88 -28.66 0.80
CA CYS D 78 17.48 -29.14 -0.44
C CYS D 78 18.96 -29.48 -0.34
N LEU D 79 19.41 -29.66 0.90
CA LEU D 79 20.75 -30.15 1.18
C LEU D 79 21.14 -31.35 0.31
N PRO D 80 20.21 -32.28 0.07
CA PRO D 80 20.51 -33.42 -0.82
C PRO D 80 20.91 -33.01 -2.23
N ALA D 81 20.22 -32.04 -2.79
CA ALA D 81 20.55 -31.51 -4.11
C ALA D 81 22.00 -30.98 -4.15
N TYR D 82 22.33 -30.12 -3.19
CA TYR D 82 23.65 -29.54 -3.15
C TYR D 82 24.72 -30.60 -2.98
N ILE D 83 24.50 -31.53 -2.05
CA ILE D 83 25.47 -32.58 -1.81
C ILE D 83 25.72 -33.33 -3.09
N LEU D 84 24.65 -33.61 -3.81
CA LEU D 84 24.78 -34.38 -5.03
C LEU D 84 25.61 -33.56 -6.03
N TYR D 85 25.42 -32.24 -6.05
CA TYR D 85 26.20 -31.44 -6.97
C TYR D 85 27.67 -31.40 -6.54
N MET D 86 27.91 -31.32 -5.23
CA MET D 86 29.26 -31.39 -4.68
C MET D 86 29.97 -32.69 -5.08
N CYS D 87 29.21 -33.78 -5.21
CA CYS D 87 29.77 -35.04 -5.70
C CYS D 87 30.04 -34.94 -7.20
N ILE D 88 29.11 -34.36 -7.92
CA ILE D 88 29.25 -34.27 -9.37
C ILE D 88 30.49 -33.43 -9.70
N ARG D 89 30.59 -32.30 -9.03
CA ARG D 89 31.73 -31.41 -9.18
C ARG D 89 33.06 -32.16 -9.04
N HIS D 90 33.20 -33.01 -8.03
CA HIS D 90 34.44 -33.77 -7.88
C HIS D 90 34.68 -34.76 -9.01
N ALA D 91 33.60 -35.31 -9.55
CA ALA D 91 33.71 -36.20 -10.68
C ALA D 91 34.14 -35.39 -11.91
N ASP D 92 33.70 -34.14 -11.97
CA ASP D 92 34.05 -33.25 -13.06
C ASP D 92 35.50 -32.81 -12.93
N TYR D 93 35.88 -32.45 -11.71
CA TYR D 93 37.25 -32.04 -11.42
C TYR D 93 38.27 -33.11 -11.81
N THR D 94 37.96 -34.37 -11.51
CA THR D 94 38.87 -35.49 -11.82
C THR D 94 38.67 -36.04 -13.23
N ASN D 95 37.83 -35.38 -14.02
CA ASN D 95 37.59 -35.82 -15.38
C ASN D 95 37.14 -37.26 -15.49
N ASP D 96 36.39 -37.71 -14.49
CA ASP D 96 35.82 -39.06 -14.50
C ASP D 96 34.44 -39.02 -15.19
N ASP D 97 34.42 -39.17 -16.50
CA ASP D 97 33.17 -39.07 -17.24
C ASP D 97 32.21 -40.20 -16.85
N LEU D 98 32.76 -41.39 -16.61
CA LEU D 98 31.95 -42.55 -16.25
C LEU D 98 31.26 -42.40 -14.90
N LYS D 99 31.94 -41.76 -13.96
CA LYS D 99 31.39 -41.51 -12.63
C LYS D 99 30.21 -40.52 -12.70
N VAL D 100 30.35 -39.50 -13.53
CA VAL D 100 29.30 -38.51 -13.73
C VAL D 100 28.07 -39.17 -14.35
N HIS D 101 28.27 -40.02 -15.35
CA HIS D 101 27.15 -40.70 -15.97
C HIS D 101 26.47 -41.63 -14.97
N SER D 102 27.26 -42.24 -14.11
CA SER D 102 26.75 -43.27 -13.19
C SER D 102 26.10 -42.65 -11.96
N LEU D 103 26.68 -41.56 -11.45
CA LEU D 103 26.11 -40.91 -10.28
C LEU D 103 24.77 -40.29 -10.60
N LEU D 104 24.72 -39.56 -11.72
CA LEU D 104 23.50 -38.87 -12.15
C LEU D 104 22.41 -39.86 -12.53
N THR D 105 22.77 -40.87 -13.31
CA THR D 105 21.83 -41.92 -13.71
C THR D 105 21.26 -42.66 -12.51
N SER D 106 22.10 -43.01 -11.53
CA SER D 106 21.62 -43.76 -10.37
C SER D 106 20.78 -42.90 -9.43
N THR D 107 21.13 -41.62 -9.35
CA THR D 107 20.33 -40.67 -8.59
C THR D 107 18.91 -40.57 -9.16
N ILE D 108 18.82 -40.45 -10.48
CA ILE D 108 17.54 -40.28 -11.15
C ILE D 108 16.67 -41.53 -10.96
N ASN D 109 17.23 -42.69 -11.27
CA ASN D 109 16.54 -43.95 -11.03
C ASN D 109 16.18 -44.10 -9.56
N GLY D 110 17.05 -43.60 -8.69
CA GLY D 110 16.78 -43.64 -7.26
C GLY D 110 15.53 -42.85 -6.94
N ILE D 111 15.45 -41.63 -7.45
CA ILE D 111 14.31 -40.75 -7.19
C ILE D 111 13.02 -41.38 -7.74
N LYS D 112 13.06 -41.91 -8.96
CA LYS D 112 11.87 -42.54 -9.55
C LYS D 112 11.37 -43.69 -8.68
N LYS D 113 12.28 -44.59 -8.31
CA LYS D 113 11.93 -45.72 -7.44
C LYS D 113 11.21 -45.24 -6.18
N VAL D 114 11.77 -44.26 -5.47
CA VAL D 114 11.12 -43.72 -4.28
C VAL D 114 9.69 -43.26 -4.60
N LEU D 115 9.54 -42.39 -5.61
CA LEU D 115 8.24 -41.77 -5.92
C LEU D 115 7.16 -42.80 -6.28
N LYS D 116 7.53 -43.83 -7.05
CA LYS D 116 6.60 -44.93 -7.37
C LYS D 116 6.16 -45.69 -6.12
N LYS D 117 7.06 -45.75 -5.13
CA LYS D 117 6.84 -46.46 -3.88
C LYS D 117 6.02 -45.59 -2.92
N HIS D 118 6.12 -44.28 -3.06
CA HIS D 118 5.40 -43.35 -2.19
C HIS D 118 4.45 -42.46 -3.02
N ASN D 119 3.90 -43.04 -4.09
CA ASN D 119 3.09 -42.28 -5.06
C ASN D 119 1.81 -41.68 -4.48
N ASP D 120 1.65 -41.75 -3.16
CA ASP D 120 0.53 -41.12 -2.47
C ASP D 120 0.98 -40.15 -1.36
N ASP D 121 2.26 -40.11 -1.08
CA ASP D 121 2.78 -39.30 0.02
C ASP D 121 3.06 -37.87 -0.46
N PHE D 122 2.25 -36.91 -0.02
CA PHE D 122 2.42 -35.55 -0.47
C PHE D 122 3.76 -34.99 -0.04
N GLU D 123 4.10 -35.18 1.24
CA GLU D 123 5.38 -34.76 1.78
C GLU D 123 6.56 -35.30 0.93
N MET D 124 6.65 -36.61 0.76
CA MET D 124 7.74 -37.23 0.00
C MET D 124 7.90 -36.67 -1.42
N THR D 125 6.79 -36.60 -2.14
CA THR D 125 6.80 -36.20 -3.54
C THR D 125 7.24 -34.75 -3.64
N SER D 126 6.73 -33.95 -2.73
CA SER D 126 7.03 -32.53 -2.68
C SER D 126 8.50 -32.35 -2.37
N PHE D 127 9.02 -33.24 -1.53
CA PHE D 127 10.40 -33.22 -1.11
C PHE D 127 11.35 -33.45 -2.27
N TRP D 128 10.98 -34.36 -3.15
CA TRP D 128 11.85 -34.65 -4.28
C TRP D 128 11.65 -33.71 -5.47
N LEU D 129 10.47 -33.12 -5.59
CA LEU D 129 10.29 -32.08 -6.59
C LEU D 129 11.26 -30.94 -6.28
N SER D 130 11.34 -30.62 -5.00
CA SER D 130 12.19 -29.54 -4.54
C SER D 130 13.70 -29.83 -4.76
N ASN D 131 14.16 -31.04 -4.41
CA ASN D 131 15.58 -31.34 -4.51
C ASN D 131 16.00 -31.57 -5.97
N THR D 132 15.10 -32.11 -6.78
CA THR D 132 15.40 -32.26 -8.20
C THR D 132 15.51 -30.91 -8.89
N CYS D 133 14.74 -29.92 -8.43
CA CYS D 133 14.77 -28.61 -9.07
C CYS D 133 16.03 -27.91 -8.63
N ARG D 134 16.33 -27.99 -7.34
CA ARG D 134 17.48 -27.29 -6.79
C ARG D 134 18.76 -27.87 -7.39
N LEU D 135 18.72 -29.14 -7.74
CA LEU D 135 19.84 -29.76 -8.42
C LEU D 135 19.97 -29.07 -9.77
N LEU D 136 18.90 -29.12 -10.55
CA LEU D 136 18.90 -28.49 -11.87
C LEU D 136 19.45 -27.07 -11.76
N HIS D 137 18.91 -26.30 -10.82
CA HIS D 137 19.45 -24.98 -10.49
C HIS D 137 20.97 -25.00 -10.27
N CYS D 138 21.49 -25.98 -9.54
CA CYS D 138 22.92 -26.05 -9.31
C CYS D 138 23.66 -26.35 -10.62
N LEU D 139 23.15 -27.30 -11.40
CA LEU D 139 23.79 -27.62 -12.67
C LEU D 139 23.80 -26.43 -13.63
N LYS D 140 22.89 -25.47 -13.43
CA LYS D 140 22.81 -24.28 -14.28
C LYS D 140 23.71 -23.20 -13.73
N GLN D 141 23.43 -22.80 -12.49
CA GLN D 141 24.23 -21.81 -11.79
C GLN D 141 25.75 -22.14 -11.76
N TYR D 142 26.12 -23.41 -11.88
CA TYR D 142 27.53 -23.80 -11.82
C TYR D 142 27.94 -24.57 -13.08
N SER D 143 27.40 -24.15 -14.21
CA SER D 143 27.63 -24.81 -15.49
C SER D 143 28.85 -24.28 -16.22
N GLY D 144 29.25 -23.06 -15.89
CA GLY D 144 30.33 -22.39 -16.59
C GLY D 144 29.85 -21.47 -17.71
N ASP D 145 28.60 -21.63 -18.12
CA ASP D 145 28.01 -20.77 -19.15
C ASP D 145 27.70 -19.39 -18.58
N GLU D 146 28.26 -18.34 -19.20
CA GLU D 146 28.06 -16.97 -18.71
C GLU D 146 26.56 -16.64 -18.56
N GLY D 147 25.72 -17.25 -19.38
CA GLY D 147 24.28 -16.99 -19.36
C GLY D 147 23.62 -17.21 -18.01
N PHE D 148 24.03 -18.26 -17.31
CA PHE D 148 23.43 -18.65 -16.03
C PHE D 148 24.17 -18.08 -14.82
N MET D 149 25.25 -17.34 -15.05
CA MET D 149 26.15 -16.97 -13.96
C MET D 149 26.10 -15.50 -13.52
N THR D 150 25.27 -14.68 -14.17
CA THR D 150 25.27 -13.25 -13.90
C THR D 150 25.16 -12.95 -12.40
N GLN D 151 24.47 -13.79 -11.66
CA GLN D 151 24.23 -13.50 -10.24
C GLN D 151 25.29 -14.09 -9.30
N ASN D 152 26.21 -14.88 -9.82
CA ASN D 152 27.22 -15.51 -8.96
C ASN D 152 28.24 -14.50 -8.41
N THR D 153 28.65 -14.74 -7.18
CA THR D 153 29.75 -14.01 -6.58
C THR D 153 31.03 -14.53 -7.17
N ALA D 154 32.14 -13.91 -6.78
CA ALA D 154 33.46 -14.31 -7.27
C ALA D 154 33.77 -15.69 -6.75
N LYS D 155 33.49 -15.92 -5.46
CA LYS D 155 33.71 -17.24 -4.88
C LYS D 155 32.94 -18.30 -5.63
N GLN D 156 31.64 -18.10 -5.80
CA GLN D 156 30.78 -19.15 -6.37
C GLN D 156 31.28 -19.54 -7.74
N ASN D 157 31.74 -18.56 -8.49
CA ASN D 157 32.26 -18.83 -9.83
C ASN D 157 33.47 -19.76 -9.81
N GLU D 158 34.10 -19.93 -8.66
CA GLU D 158 35.23 -20.85 -8.56
C GLU D 158 34.74 -22.31 -8.50
N HIS D 159 33.48 -22.51 -8.12
CA HIS D 159 32.94 -23.85 -7.93
C HIS D 159 32.25 -24.38 -9.18
N CYS D 160 32.32 -23.62 -10.28
CA CYS D 160 31.74 -24.05 -11.55
C CYS D 160 32.35 -25.36 -12.04
N LEU D 161 31.67 -26.01 -12.97
CA LEU D 161 32.20 -27.21 -13.59
C LEU D 161 33.32 -26.79 -14.55
N LYS D 162 34.44 -27.51 -14.48
CA LYS D 162 35.65 -27.12 -15.23
C LYS D 162 35.81 -27.85 -16.56
N ASN D 163 35.37 -29.11 -16.63
CA ASN D 163 35.67 -29.94 -17.79
C ASN D 163 34.49 -30.54 -18.55
N PHE D 164 33.35 -30.67 -17.91
CA PHE D 164 32.21 -31.32 -18.56
C PHE D 164 31.04 -30.35 -18.81
N ASP D 165 30.39 -30.52 -19.95
CA ASP D 165 29.16 -29.81 -20.26
C ASP D 165 28.02 -30.79 -20.13
N LEU D 166 27.21 -30.64 -19.09
CA LEU D 166 26.18 -31.62 -18.78
C LEU D 166 24.76 -31.23 -19.24
N THR D 167 24.63 -30.69 -20.46
CA THR D 167 23.33 -30.22 -20.93
C THR D 167 22.32 -31.36 -20.98
N GLU D 168 22.70 -32.45 -21.64
CA GLU D 168 21.81 -33.60 -21.80
C GLU D 168 21.22 -34.08 -20.46
N TYR D 169 21.93 -33.87 -19.36
CA TYR D 169 21.41 -34.32 -18.08
C TYR D 169 20.46 -33.30 -17.45
N ARG D 170 20.67 -32.02 -17.72
CA ARG D 170 19.75 -31.02 -17.21
C ARG D 170 18.39 -31.28 -17.84
N GLN D 171 18.41 -31.70 -19.10
CA GLN D 171 17.16 -31.92 -19.80
C GLN D 171 16.42 -33.10 -19.18
N VAL D 172 17.17 -34.12 -18.77
CA VAL D 172 16.56 -35.30 -18.15
C VAL D 172 15.98 -34.93 -16.79
N LEU D 173 16.72 -34.13 -16.04
CA LEU D 173 16.27 -33.68 -14.73
C LEU D 173 15.08 -32.74 -14.85
N SER D 174 14.96 -32.10 -16.01
CA SER D 174 13.84 -31.21 -16.25
C SER D 174 12.60 -32.03 -16.58
N ASP D 175 12.78 -33.03 -17.44
CA ASP D 175 11.69 -33.94 -17.77
C ASP D 175 11.20 -34.62 -16.50
N LEU D 176 12.15 -35.07 -15.68
CA LEU D 176 11.83 -35.77 -14.45
C LEU D 176 11.03 -34.87 -13.51
N SER D 177 11.46 -33.62 -13.35
CA SER D 177 10.79 -32.68 -12.46
C SER D 177 9.34 -32.41 -12.88
N ILE D 178 9.04 -32.57 -14.17
CA ILE D 178 7.67 -32.49 -14.64
C ILE D 178 6.86 -33.68 -14.10
N GLN D 179 7.34 -34.89 -14.32
CA GLN D 179 6.65 -36.06 -13.82
C GLN D 179 6.39 -35.90 -12.31
N ILE D 180 7.39 -35.49 -11.55
CA ILE D 180 7.19 -35.34 -10.11
C ILE D 180 6.13 -34.29 -9.81
N TYR D 181 6.06 -33.23 -10.63
CA TYR D 181 5.04 -32.20 -10.45
C TYR D 181 3.64 -32.79 -10.65
N GLN D 182 3.48 -33.59 -11.69
CA GLN D 182 2.21 -34.22 -12.01
C GLN D 182 1.72 -35.12 -10.87
N GLN D 183 2.61 -35.92 -10.33
CA GLN D 183 2.24 -36.81 -9.24
C GLN D 183 1.84 -35.99 -8.01
N LEU D 184 2.47 -34.83 -7.83
CA LEU D 184 2.20 -34.00 -6.65
C LEU D 184 0.78 -33.41 -6.71
N ILE D 185 0.28 -33.18 -7.92
CA ILE D 185 -1.05 -32.64 -8.10
C ILE D 185 -2.06 -33.76 -7.84
N LYS D 186 -1.84 -34.90 -8.48
CA LYS D 186 -2.69 -36.05 -8.29
C LYS D 186 -2.88 -36.36 -6.81
N ILE D 187 -1.84 -36.17 -6.01
CA ILE D 187 -1.99 -36.50 -4.59
C ILE D 187 -2.88 -35.46 -3.92
N ALA D 188 -2.49 -34.19 -4.06
CA ALA D 188 -3.26 -33.09 -3.48
C ALA D 188 -4.75 -33.17 -3.86
N GLU D 189 -5.02 -33.41 -5.15
CA GLU D 189 -6.39 -33.56 -5.64
C GLU D 189 -7.14 -34.71 -4.94
N GLY D 190 -6.55 -35.90 -4.93
CA GLY D 190 -7.15 -37.01 -4.23
C GLY D 190 -7.59 -36.66 -2.82
N VAL D 191 -6.81 -35.85 -2.11
CA VAL D 191 -7.12 -35.55 -0.71
C VAL D 191 -8.23 -34.51 -0.56
N LEU D 192 -8.35 -33.63 -1.54
CA LEU D 192 -9.33 -32.54 -1.47
C LEU D 192 -10.69 -32.95 -2.02
N GLN D 193 -10.68 -33.66 -3.16
CA GLN D 193 -11.89 -34.12 -3.84
C GLN D 193 -13.06 -34.35 -2.87
N PRO D 194 -12.93 -35.35 -1.96
CA PRO D 194 -14.05 -35.59 -1.06
C PRO D 194 -14.33 -34.38 -0.17
N VAL D 197 -17.58 -29.46 -1.95
CA VAL D 197 -19.04 -29.63 -2.13
C VAL D 197 -19.79 -29.60 -0.82
N SER D 198 -19.49 -30.58 0.02
CA SER D 198 -20.01 -30.64 1.38
C SER D 198 -19.68 -29.34 2.11
N ALA D 199 -18.49 -28.79 1.80
CA ALA D 199 -18.00 -27.62 2.50
C ALA D 199 -18.39 -26.34 1.76
N MET D 200 -18.43 -26.43 0.43
CA MET D 200 -18.59 -25.25 -0.42
C MET D 200 -20.03 -24.71 -0.49
N LEU D 201 -21.00 -25.64 -0.43
CA LEU D 201 -22.42 -25.37 -0.75
C LEU D 201 -23.26 -25.04 0.49
N GLU D 202 -22.63 -24.78 1.62
CA GLU D 202 -23.37 -24.42 2.83
C GLU D 202 -22.45 -23.74 3.83
N ASN D 203 -22.99 -22.82 4.62
CA ASN D 203 -22.24 -22.21 5.72
C ASN D 203 -23.13 -22.05 6.96
N GLU D 204 -22.57 -22.35 8.13
CA GLU D 204 -23.35 -22.37 9.38
C GLU D 204 -23.77 -20.97 9.89
N SER D 205 -22.89 -19.97 9.77
CA SER D 205 -23.21 -18.61 10.17
C SER D 205 -24.39 -18.06 9.38
N TYR D 231 -17.61 -32.47 6.10
CA TYR D 231 -16.50 -31.53 6.02
C TYR D 231 -16.99 -30.12 5.67
N CYS D 232 -16.98 -29.23 6.68
CA CYS D 232 -17.32 -27.84 6.48
C CYS D 232 -16.18 -27.13 5.74
N LEU D 233 -16.25 -25.81 5.64
CA LEU D 233 -15.20 -25.06 4.97
C LEU D 233 -13.87 -25.17 5.75
N GLU D 234 -13.93 -24.84 7.05
CA GLU D 234 -12.72 -24.77 7.87
C GLU D 234 -11.82 -26.01 7.78
N ALA D 235 -12.39 -27.17 7.42
CA ALA D 235 -11.60 -28.38 7.26
C ALA D 235 -10.73 -28.34 5.99
N ILE D 236 -11.26 -27.73 4.92
CA ILE D 236 -10.48 -27.56 3.70
C ILE D 236 -9.35 -26.54 3.91
N ILE D 237 -9.65 -25.44 4.58
CA ILE D 237 -8.65 -24.42 4.85
C ILE D 237 -7.51 -25.00 5.69
N ARG D 238 -7.86 -25.86 6.64
CA ARG D 238 -6.85 -26.59 7.40
C ARG D 238 -6.01 -27.48 6.49
N GLN D 239 -6.65 -28.13 5.51
CA GLN D 239 -5.96 -29.07 4.62
C GLN D 239 -4.99 -28.37 3.69
N MET D 240 -5.46 -27.34 3.00
CA MET D 240 -4.59 -26.58 2.13
C MET D 240 -3.52 -25.86 2.95
N ASN D 241 -3.82 -25.54 4.21
CA ASN D 241 -2.81 -25.02 5.11
C ASN D 241 -1.69 -26.03 5.36
N ALA D 242 -2.04 -27.30 5.38
CA ALA D 242 -1.05 -28.36 5.57
C ALA D 242 -0.20 -28.54 4.31
N PHE D 243 -0.80 -28.46 3.13
CA PHE D 243 -0.03 -28.56 1.89
C PHE D 243 0.93 -27.38 1.75
N HIS D 244 0.40 -26.17 1.88
CA HIS D 244 1.21 -24.97 1.82
C HIS D 244 2.39 -25.09 2.78
N THR D 245 2.11 -25.52 4.00
CA THR D 245 3.13 -25.61 5.03
C THR D 245 4.22 -26.59 4.59
N VAL D 246 3.81 -27.75 4.08
CA VAL D 246 4.77 -28.77 3.66
C VAL D 246 5.71 -28.25 2.55
N MET D 247 5.13 -27.67 1.50
CA MET D 247 5.92 -27.14 0.39
C MET D 247 6.87 -26.02 0.82
N CYS D 248 6.41 -25.17 1.71
CA CYS D 248 7.24 -24.11 2.27
C CYS D 248 8.41 -24.66 3.10
N ASP D 249 8.14 -25.69 3.90
CA ASP D 249 9.15 -26.26 4.77
C ASP D 249 10.27 -26.94 3.96
N GLN D 250 9.96 -27.32 2.72
CA GLN D 250 10.89 -28.05 1.87
C GLN D 250 11.54 -27.21 0.78
N GLY D 251 11.29 -25.92 0.78
CA GLY D 251 11.94 -25.02 -0.14
C GLY D 251 11.57 -25.30 -1.60
N LEU D 252 10.33 -25.69 -1.83
CA LEU D 252 9.83 -25.76 -3.19
C LEU D 252 9.83 -24.33 -3.70
N ASP D 253 10.21 -24.13 -4.96
CA ASP D 253 10.27 -22.78 -5.55
C ASP D 253 8.93 -22.06 -5.37
N PRO D 254 8.95 -20.76 -5.02
CA PRO D 254 7.69 -20.01 -4.86
C PRO D 254 6.78 -20.01 -6.10
N GLU D 255 7.36 -19.98 -7.29
CA GLU D 255 6.58 -19.99 -8.52
C GLU D 255 5.92 -21.34 -8.74
N ILE D 256 6.50 -22.40 -8.19
CA ILE D 256 5.91 -23.72 -8.32
C ILE D 256 4.73 -23.82 -7.36
N ILE D 257 4.88 -23.26 -6.16
CA ILE D 257 3.79 -23.25 -5.20
C ILE D 257 2.57 -22.52 -5.82
N LEU D 258 2.81 -21.33 -6.35
CA LEU D 258 1.76 -20.54 -6.96
C LEU D 258 1.02 -21.40 -7.99
N GLN D 259 1.76 -22.03 -8.90
CA GLN D 259 1.11 -22.83 -9.94
C GLN D 259 0.35 -24.04 -9.38
N VAL D 260 0.78 -24.52 -8.21
CA VAL D 260 0.07 -25.60 -7.52
C VAL D 260 -1.29 -25.15 -6.97
N PHE D 261 -1.39 -23.94 -6.47
CA PHE D 261 -2.68 -23.51 -5.95
C PHE D 261 -3.62 -23.06 -7.09
N LYS D 262 -3.06 -22.45 -8.13
CA LYS D 262 -3.85 -22.15 -9.32
C LYS D 262 -4.41 -23.40 -9.95
N GLN D 263 -3.73 -24.52 -9.71
CA GLN D 263 -4.13 -25.80 -10.28
C GLN D 263 -5.19 -26.46 -9.42
N LEU D 264 -5.04 -26.33 -8.12
CA LEU D 264 -6.03 -26.84 -7.18
C LEU D 264 -7.30 -26.01 -7.22
N PHE D 265 -7.16 -24.73 -7.51
CA PHE D 265 -8.34 -23.89 -7.54
C PHE D 265 -9.14 -24.09 -8.85
N TYR D 266 -8.45 -24.28 -9.98
CA TYR D 266 -9.14 -24.65 -11.23
C TYR D 266 -9.76 -26.05 -11.16
N MET D 267 -9.73 -26.65 -9.97
CA MET D 267 -10.43 -27.89 -9.70
C MET D 267 -11.57 -27.60 -8.74
N ILE D 268 -11.26 -26.98 -7.60
CA ILE D 268 -12.30 -26.59 -6.67
C ILE D 268 -13.34 -25.82 -7.45
N ASN D 269 -12.95 -25.35 -8.64
CA ASN D 269 -13.90 -24.74 -9.57
C ASN D 269 -14.89 -25.80 -10.01
N ALA D 270 -14.40 -26.80 -10.73
CA ALA D 270 -15.27 -27.84 -11.30
C ALA D 270 -16.11 -28.51 -10.21
N VAL D 271 -15.43 -29.19 -9.27
CA VAL D 271 -16.05 -29.99 -8.21
C VAL D 271 -17.26 -29.34 -7.53
N THR D 272 -17.29 -28.02 -7.44
CA THR D 272 -18.48 -27.33 -6.93
C THR D 272 -19.42 -27.00 -8.09
N LEU D 273 -18.85 -26.50 -9.18
CA LEU D 273 -19.64 -26.20 -10.38
C LEU D 273 -20.42 -27.44 -10.87
N ASN D 274 -19.73 -28.35 -11.53
CA ASN D 274 -20.39 -29.52 -12.11
C ASN D 274 -21.44 -30.09 -11.16
N ASN D 275 -21.11 -30.18 -9.87
CA ASN D 275 -22.07 -30.59 -8.85
C ASN D 275 -23.23 -29.60 -8.78
N ASP D 281 -32.68 -29.43 -5.78
CA ASP D 281 -32.24 -29.36 -4.40
C ASP D 281 -31.37 -28.12 -4.23
N VAL D 282 -30.08 -28.29 -4.55
CA VAL D 282 -29.06 -27.31 -4.20
C VAL D 282 -29.29 -25.93 -4.84
N CYS D 283 -29.80 -25.90 -6.06
CA CYS D 283 -29.91 -24.64 -6.82
C CYS D 283 -30.98 -23.70 -6.25
N SER D 284 -30.52 -22.59 -5.67
CA SER D 284 -31.41 -21.57 -5.13
C SER D 284 -30.60 -20.34 -4.70
N TRP D 285 -31.31 -19.25 -4.39
CA TRP D 285 -30.68 -18.03 -3.93
C TRP D 285 -30.05 -18.31 -2.56
N SER D 286 -30.58 -19.30 -1.83
CA SER D 286 -30.06 -19.63 -0.50
C SER D 286 -28.62 -20.11 -0.55
N THR D 287 -28.31 -21.00 -1.48
CA THR D 287 -26.96 -21.54 -1.62
C THR D 287 -26.04 -20.56 -2.39
N GLY D 288 -26.63 -19.77 -3.28
CA GLY D 288 -25.87 -18.69 -3.91
C GLY D 288 -25.20 -17.87 -2.82
N MET D 289 -26.01 -17.43 -1.86
CA MET D 289 -25.55 -16.72 -0.66
C MET D 289 -24.48 -17.48 0.16
N GLN D 290 -24.66 -18.78 0.35
CA GLN D 290 -23.71 -19.59 1.09
C GLN D 290 -22.49 -19.96 0.23
N LEU D 291 -22.64 -19.96 -1.09
CA LEU D 291 -21.57 -20.32 -2.02
C LEU D 291 -20.58 -19.17 -2.21
N ARG D 292 -21.14 -18.00 -2.54
CA ARG D 292 -20.36 -16.82 -2.80
C ARG D 292 -19.66 -16.38 -1.53
N TYR D 293 -20.26 -16.67 -0.39
CA TYR D 293 -19.64 -16.33 0.88
C TYR D 293 -18.46 -17.26 1.14
N ASN D 294 -18.64 -18.53 0.80
CA ASN D 294 -17.57 -19.50 0.92
C ASN D 294 -16.41 -19.14 -0.02
N ILE D 295 -16.72 -18.70 -1.24
CA ILE D 295 -15.66 -18.39 -2.18
C ILE D 295 -14.86 -17.19 -1.69
N SER D 296 -15.57 -16.20 -1.14
CA SER D 296 -14.87 -15.06 -0.58
C SER D 296 -13.94 -15.52 0.55
N GLN D 297 -14.32 -16.60 1.21
CA GLN D 297 -13.54 -17.15 2.31
C GLN D 297 -12.22 -17.70 1.79
N LEU D 298 -12.29 -18.46 0.69
CA LEU D 298 -11.12 -19.04 0.04
C LEU D 298 -10.22 -17.96 -0.55
N GLU D 299 -10.84 -16.92 -1.06
CA GLU D 299 -10.10 -15.84 -1.68
C GLU D 299 -9.36 -15.08 -0.59
N GLU D 300 -10.01 -14.85 0.55
CA GLU D 300 -9.34 -14.23 1.70
C GLU D 300 -8.20 -15.10 2.25
N TRP D 301 -8.37 -16.41 2.11
CA TRP D 301 -7.37 -17.37 2.56
C TRP D 301 -6.17 -17.36 1.63
N LEU D 302 -6.42 -17.12 0.34
CA LEU D 302 -5.32 -16.95 -0.61
C LEU D 302 -4.55 -15.69 -0.27
N ARG D 303 -5.24 -14.60 0.00
CA ARG D 303 -4.54 -13.37 0.33
C ARG D 303 -3.70 -13.60 1.59
N GLY D 304 -4.24 -14.39 2.52
CA GLY D 304 -3.61 -14.58 3.81
C GLY D 304 -2.31 -15.32 3.68
N ARG D 305 -2.27 -16.28 2.76
CA ARG D 305 -1.08 -17.05 2.44
C ARG D 305 -0.33 -16.50 1.21
N ASN D 306 -0.60 -15.25 0.81
CA ASN D 306 0.06 -14.62 -0.34
C ASN D 306 0.05 -15.47 -1.61
N LEU D 307 -1.11 -16.02 -1.94
CA LEU D 307 -1.26 -16.83 -3.15
C LEU D 307 -2.22 -16.13 -4.14
N HIS D 308 -2.62 -14.91 -3.81
CA HIS D 308 -3.69 -14.19 -4.53
C HIS D 308 -3.30 -13.77 -5.94
N GLN D 309 -2.03 -13.91 -6.27
CA GLN D 309 -1.50 -13.58 -7.59
C GLN D 309 -1.17 -14.86 -8.36
N SER D 310 -1.44 -16.00 -7.74
CA SER D 310 -1.07 -17.29 -8.29
C SER D 310 -1.74 -17.57 -9.62
N GLY D 311 -2.88 -16.90 -9.83
CA GLY D 311 -3.73 -17.12 -10.98
C GLY D 311 -4.96 -17.90 -10.58
N ALA D 312 -5.00 -18.33 -9.32
CA ALA D 312 -6.11 -19.13 -8.78
C ALA D 312 -7.43 -18.38 -8.83
N VAL D 313 -7.42 -17.13 -8.37
CA VAL D 313 -8.65 -16.35 -8.21
C VAL D 313 -9.39 -16.27 -9.53
N GLN D 314 -8.66 -16.09 -10.63
CA GLN D 314 -9.26 -16.11 -11.95
C GLN D 314 -10.02 -17.41 -12.25
N THR D 315 -9.41 -18.55 -11.94
CA THR D 315 -10.01 -19.83 -12.31
C THR D 315 -11.29 -20.15 -11.54
N MET D 316 -11.65 -19.33 -10.56
CA MET D 316 -12.88 -19.56 -9.81
C MET D 316 -13.95 -18.56 -10.18
N GLU D 317 -13.85 -17.97 -11.37
CA GLU D 317 -14.80 -16.95 -11.76
C GLU D 317 -16.14 -17.56 -12.17
N PRO D 318 -16.10 -18.68 -12.92
CA PRO D 318 -17.33 -19.38 -13.30
C PRO D 318 -18.17 -19.78 -12.09
N LEU D 319 -17.55 -20.38 -11.09
CA LEU D 319 -18.28 -20.71 -9.86
C LEU D 319 -18.75 -19.44 -9.14
N ILE D 320 -18.06 -18.33 -9.34
CA ILE D 320 -18.48 -17.06 -8.74
C ILE D 320 -19.74 -16.55 -9.43
N GLN D 321 -19.78 -16.64 -10.76
CA GLN D 321 -20.90 -16.16 -11.56
C GLN D 321 -22.16 -16.96 -11.24
N ALA D 322 -22.02 -18.27 -11.19
CA ALA D 322 -23.08 -19.15 -10.76
C ALA D 322 -23.62 -18.76 -9.39
N ALA D 323 -22.73 -18.43 -8.45
CA ALA D 323 -23.19 -18.13 -7.11
C ALA D 323 -24.17 -16.96 -7.18
N GLN D 324 -23.97 -16.11 -8.19
CA GLN D 324 -24.73 -14.87 -8.39
C GLN D 324 -25.97 -15.05 -9.29
N LEU D 325 -25.85 -15.80 -10.38
CA LEU D 325 -27.04 -16.10 -11.22
C LEU D 325 -28.13 -16.74 -10.37
N LEU D 326 -27.73 -17.59 -9.43
CA LEU D 326 -28.66 -18.21 -8.47
C LEU D 326 -29.38 -17.18 -7.58
N GLN D 327 -28.80 -15.98 -7.47
CA GLN D 327 -29.34 -14.89 -6.66
C GLN D 327 -30.02 -13.75 -7.43
N LEU D 328 -29.71 -13.60 -8.72
CA LEU D 328 -30.37 -12.59 -9.55
C LEU D 328 -31.91 -12.76 -9.56
N LYS D 331 -37.19 -13.30 -14.03
CA LYS D 331 -38.60 -13.14 -14.42
C LYS D 331 -38.75 -12.35 -15.71
N THR D 332 -38.11 -11.18 -15.77
CA THR D 332 -38.32 -10.20 -16.84
C THR D 332 -37.25 -10.20 -17.95
N GLN D 333 -37.45 -9.31 -18.91
CA GLN D 333 -36.49 -9.03 -19.99
C GLN D 333 -35.25 -8.36 -19.43
N GLU D 334 -35.47 -7.44 -18.49
CA GLU D 334 -34.40 -6.71 -17.86
C GLU D 334 -33.49 -7.65 -17.05
N ASP D 335 -34.10 -8.59 -16.34
CA ASP D 335 -33.37 -9.58 -15.54
C ASP D 335 -32.62 -10.56 -16.43
N ALA D 336 -33.07 -10.70 -17.67
CA ALA D 336 -32.41 -11.60 -18.62
C ALA D 336 -31.20 -10.95 -19.29
N GLU D 337 -31.32 -9.66 -19.63
CA GLU D 337 -30.20 -8.87 -20.13
C GLU D 337 -29.04 -8.75 -19.11
N ALA D 338 -29.33 -9.09 -17.85
CA ALA D 338 -28.38 -8.91 -16.76
C ALA D 338 -27.75 -10.25 -16.44
N ILE D 339 -28.48 -11.31 -16.76
CA ILE D 339 -27.97 -12.66 -16.61
C ILE D 339 -27.04 -13.01 -17.77
N CYS D 340 -27.31 -12.47 -18.95
CA CYS D 340 -26.50 -12.78 -20.13
C CYS D 340 -25.43 -11.70 -20.42
N SER D 341 -25.40 -10.64 -19.61
CA SER D 341 -24.34 -9.62 -19.67
C SER D 341 -23.17 -9.89 -18.70
N LEU D 342 -23.49 -10.55 -17.59
CA LEU D 342 -22.52 -10.80 -16.53
C LEU D 342 -21.96 -12.22 -16.58
N CYS D 343 -22.83 -13.22 -16.80
CA CYS D 343 -22.34 -14.58 -16.95
C CYS D 343 -21.63 -14.71 -18.30
N THR D 344 -20.32 -14.94 -18.27
CA THR D 344 -19.52 -15.15 -19.48
C THR D 344 -18.45 -16.22 -19.22
N SER D 347 -21.13 -21.16 -19.87
CA SER D 347 -21.69 -21.77 -21.08
C SER D 347 -23.22 -21.75 -21.06
N THR D 348 -23.82 -21.56 -22.23
CA THR D 348 -25.27 -21.51 -22.34
C THR D 348 -25.93 -22.69 -21.65
N GLN D 349 -25.43 -23.89 -21.96
CA GLN D 349 -26.03 -25.11 -21.45
C GLN D 349 -26.02 -25.13 -19.93
N GLN D 350 -25.00 -24.54 -19.33
CA GLN D 350 -24.78 -24.57 -17.89
C GLN D 350 -25.62 -23.53 -17.12
N ILE D 351 -25.87 -22.38 -17.73
CA ILE D 351 -26.75 -21.38 -17.12
C ILE D 351 -28.24 -21.78 -17.28
N VAL D 352 -28.60 -22.33 -18.43
CA VAL D 352 -29.98 -22.71 -18.65
C VAL D 352 -30.30 -23.94 -17.80
N LYS D 353 -29.29 -24.76 -17.53
CA LYS D 353 -29.49 -25.96 -16.70
C LYS D 353 -29.76 -25.60 -15.24
N ILE D 354 -28.98 -24.68 -14.67
CA ILE D 354 -29.16 -24.26 -13.27
C ILE D 354 -30.40 -23.37 -12.99
N LEU D 355 -31.04 -22.86 -14.05
CA LEU D 355 -32.38 -22.24 -13.96
C LEU D 355 -33.45 -23.30 -14.10
N ASN D 356 -33.18 -24.31 -14.92
CA ASN D 356 -34.04 -25.48 -14.96
C ASN D 356 -34.06 -26.22 -13.62
N LEU D 357 -32.97 -26.15 -12.87
CA LEU D 357 -32.91 -26.88 -11.60
C LEU D 357 -33.22 -25.95 -10.41
N TYR D 358 -33.72 -24.75 -10.70
CA TYR D 358 -33.89 -23.72 -9.66
C TYR D 358 -35.14 -23.92 -8.81
N THR D 359 -34.91 -24.24 -7.54
CA THR D 359 -35.97 -24.54 -6.60
C THR D 359 -36.19 -23.35 -5.65
N PRO D 360 -37.41 -22.80 -5.63
CA PRO D 360 -37.71 -21.66 -4.75
C PRO D 360 -37.56 -22.02 -3.27
N GLU D 365 -42.52 -16.89 -3.97
CA GLU D 365 -42.30 -18.32 -4.07
C GLU D 365 -42.56 -18.83 -5.49
N GLU D 366 -42.22 -18.00 -6.48
CA GLU D 366 -42.44 -18.32 -7.89
C GLU D 366 -41.16 -18.78 -8.59
N ARG D 367 -41.29 -19.80 -9.43
CA ARG D 367 -40.15 -20.37 -10.15
C ARG D 367 -39.85 -19.61 -11.44
N VAL D 368 -38.96 -20.17 -12.26
CA VAL D 368 -38.50 -19.55 -13.49
C VAL D 368 -39.31 -20.03 -14.68
N THR D 369 -39.91 -19.09 -15.41
CA THR D 369 -40.82 -19.43 -16.50
C THR D 369 -40.05 -20.00 -17.71
N VAL D 370 -40.73 -20.83 -18.49
CA VAL D 370 -40.12 -21.44 -19.67
C VAL D 370 -39.98 -20.41 -20.79
N ALA D 371 -40.83 -19.39 -20.77
CA ALA D 371 -40.71 -18.29 -21.72
C ALA D 371 -39.52 -17.43 -21.37
N PHE D 372 -39.09 -17.52 -20.11
CA PHE D 372 -37.96 -16.73 -19.59
C PHE D 372 -36.63 -17.45 -19.75
N ILE D 373 -36.66 -18.78 -19.76
CA ILE D 373 -35.49 -19.57 -20.10
C ILE D 373 -35.41 -19.74 -21.62
N ARG D 374 -36.47 -19.36 -22.33
CA ARG D 374 -36.46 -19.29 -23.79
C ARG D 374 -35.78 -17.99 -24.20
N THR D 375 -36.21 -16.88 -23.61
CA THR D 375 -35.58 -15.58 -23.84
C THR D 375 -34.07 -15.69 -23.86
N ILE D 376 -33.49 -16.02 -22.70
CA ILE D 376 -32.04 -16.17 -22.55
C ILE D 376 -31.44 -17.15 -23.58
N GLN D 377 -32.22 -18.16 -23.97
CA GLN D 377 -31.78 -19.15 -24.95
C GLN D 377 -31.60 -18.56 -26.36
N ALA D 378 -32.36 -17.51 -26.69
CA ALA D 378 -32.21 -16.82 -27.97
C ALA D 378 -31.18 -15.69 -27.88
N GLN D 379 -31.00 -15.15 -26.68
CA GLN D 379 -30.08 -14.04 -26.46
C GLN D 379 -28.64 -14.44 -26.74
N LEU D 380 -28.14 -15.38 -25.94
CA LEU D 380 -26.74 -15.79 -26.03
C LEU D 380 -26.44 -16.53 -27.35
N GLN D 381 -27.45 -16.67 -28.20
CA GLN D 381 -27.30 -17.34 -29.48
C GLN D 381 -26.18 -16.71 -30.31
N GLU D 382 -26.01 -15.39 -30.18
CA GLU D 382 -25.01 -14.67 -30.96
C GLU D 382 -23.65 -14.80 -30.29
N ASP D 392 -13.58 -31.03 -17.77
CA ASP D 392 -12.54 -31.83 -17.12
C ASP D 392 -12.03 -31.14 -15.85
N ALA D 393 -12.43 -31.63 -14.69
CA ALA D 393 -11.89 -31.12 -13.43
C ALA D 393 -10.47 -31.63 -13.22
N LYS D 394 -10.04 -32.50 -14.12
CA LYS D 394 -8.70 -33.07 -14.05
C LYS D 394 -7.76 -32.40 -15.05
N HIS D 395 -8.28 -31.44 -15.83
CA HIS D 395 -7.42 -30.67 -16.72
C HIS D 395 -6.18 -30.21 -15.91
N MET D 396 -5.06 -30.02 -16.61
CA MET D 396 -3.82 -29.67 -15.94
C MET D 396 -3.03 -28.62 -16.72
N PHE D 397 -2.86 -27.44 -16.14
CA PHE D 397 -2.15 -26.36 -16.82
C PHE D 397 -0.68 -26.74 -16.96
N PRO D 398 -0.09 -26.47 -18.14
CA PRO D 398 1.35 -26.72 -18.34
C PRO D 398 2.19 -25.79 -17.47
N VAL D 399 3.15 -26.37 -16.75
CA VAL D 399 3.90 -25.63 -15.76
C VAL D 399 5.25 -25.14 -16.29
N LEU D 400 5.54 -23.88 -15.99
CA LEU D 400 6.82 -23.28 -16.32
C LEU D 400 7.74 -23.22 -15.10
N PHE D 401 8.79 -24.06 -15.09
CA PHE D 401 9.79 -24.06 -14.01
C PHE D 401 10.82 -22.93 -14.16
N PRO D 402 10.89 -22.03 -13.17
CA PRO D 402 11.82 -20.90 -13.21
C PRO D 402 13.19 -21.31 -12.70
N PHE D 403 14.23 -20.58 -13.08
CA PHE D 403 15.59 -20.80 -12.59
C PHE D 403 15.89 -19.87 -11.43
N ASN D 404 16.25 -20.41 -10.27
CA ASN D 404 16.42 -19.58 -9.06
C ASN D 404 17.75 -19.82 -8.36
N PRO D 405 18.84 -19.25 -8.90
CA PRO D 405 20.16 -19.43 -8.28
C PRO D 405 20.16 -18.99 -6.82
N SER D 406 21.02 -19.60 -6.00
CA SER D 406 21.06 -19.26 -4.58
C SER D 406 22.40 -18.63 -4.23
N SER D 407 22.55 -18.24 -2.98
CA SER D 407 23.77 -17.61 -2.51
C SER D 407 24.49 -18.53 -1.52
N LEU D 408 24.06 -19.78 -1.43
CA LEU D 408 24.78 -20.75 -0.62
C LEU D 408 26.11 -21.02 -1.29
N THR D 409 27.12 -21.33 -0.50
CA THR D 409 28.46 -21.63 -1.04
C THR D 409 28.88 -23.04 -0.67
N MET D 410 29.33 -23.80 -1.67
CA MET D 410 29.68 -25.19 -1.46
C MET D 410 30.71 -25.39 -0.34
N ASP D 411 31.77 -24.59 -0.35
CA ASP D 411 32.86 -24.76 0.62
C ASP D 411 32.47 -24.41 2.04
N SER D 412 31.23 -23.96 2.23
CA SER D 412 30.71 -23.70 3.58
C SER D 412 29.61 -24.70 3.95
N ILE D 413 29.35 -25.66 3.07
CA ILE D 413 28.33 -26.68 3.33
C ILE D 413 28.95 -27.96 3.91
N HIS D 414 28.43 -28.39 5.06
CA HIS D 414 28.86 -29.66 5.65
C HIS D 414 27.66 -30.58 5.90
N ILE D 415 27.78 -31.81 5.44
CA ILE D 415 26.76 -32.81 5.67
C ILE D 415 26.49 -32.93 7.17
N PRO D 416 25.21 -32.84 7.58
CA PRO D 416 24.87 -33.13 8.98
C PRO D 416 25.15 -34.61 9.30
N ALA D 417 25.38 -34.93 10.57
CA ALA D 417 25.78 -36.29 10.96
C ALA D 417 24.62 -37.27 10.87
N CYS D 418 23.40 -36.75 10.82
CA CYS D 418 22.21 -37.59 10.79
C CYS D 418 21.89 -38.08 9.38
N LEU D 419 22.87 -38.02 8.48
CA LEU D 419 22.65 -38.49 7.12
C LEU D 419 23.40 -39.79 6.82
N ASN D 420 24.46 -40.06 7.56
CA ASN D 420 25.29 -41.23 7.32
C ASN D 420 26.00 -41.16 5.95
N LEU D 421 26.84 -40.16 5.79
CA LEU D 421 27.62 -40.04 4.57
C LEU D 421 29.07 -39.80 4.97
N GLU D 422 29.43 -40.36 6.11
CA GLU D 422 30.79 -40.21 6.64
C GLU D 422 31.81 -40.75 5.62
N PHE D 423 31.41 -41.75 4.84
CA PHE D 423 32.29 -42.37 3.85
C PHE D 423 32.59 -41.49 2.63
N LEU D 424 32.11 -40.25 2.65
CA LEU D 424 32.50 -39.28 1.64
C LEU D 424 33.71 -38.50 2.13
N ASN D 425 34.54 -38.03 1.22
CA ASN D 425 35.71 -37.24 1.58
C ASN D 425 35.60 -35.81 1.11
N GLU D 426 35.68 -34.87 2.05
CA GLU D 426 35.70 -33.46 1.73
C GLU D 426 37.01 -33.06 1.04
N VAL D 427 36.90 -32.69 -0.23
CA VAL D 427 38.03 -32.21 -0.99
C VAL D 427 37.79 -30.75 -1.37
PB GDP E . 19.16 -2.49 4.13
O1B GDP E . 18.29 -1.36 4.57
O2B GDP E . 19.38 -3.39 5.32
O3B GDP E . 20.46 -1.98 3.57
O3A GDP E . 18.40 -3.32 2.98
PA GDP E . 17.15 -2.71 2.18
O1A GDP E . 16.00 -2.45 3.11
O2A GDP E . 17.50 -1.51 1.34
O5' GDP E . 16.88 -3.92 1.19
C5' GDP E . 17.91 -4.41 0.35
C4' GDP E . 17.25 -5.34 -0.68
O4' GDP E . 16.61 -6.43 0.00
C3' GDP E . 16.16 -4.65 -1.46
O3' GDP E . 16.28 -5.03 -2.84
C2' GDP E . 14.85 -5.22 -1.00
O2' GDP E . 14.04 -5.40 -2.17
C1' GDP E . 15.24 -6.55 -0.40
N9 GDP E . 14.39 -6.91 0.74
C8 GDP E . 14.16 -6.26 1.90
N7 GDP E . 13.34 -7.00 2.69
C5 GDP E . 13.03 -8.14 2.03
C6 GDP E . 12.21 -9.34 2.26
O6 GDP E . 11.53 -9.49 3.31
N1 GDP E . 12.19 -10.28 1.29
C2 GDP E . 12.89 -10.15 0.15
N2 GDP E . 12.85 -11.11 -0.81
N3 GDP E . 13.64 -9.06 -0.11
C4 GDP E . 13.73 -8.05 0.76
MG MG F . 18.94 0.72 3.98
PB GDP G . -20.88 1.41 -4.51
O1B GDP G . -20.62 -0.04 -4.14
O2B GDP G . -21.83 2.02 -3.48
O3B GDP G . -21.43 1.46 -5.91
O3A GDP G . -19.55 2.29 -4.48
PA GDP G . -18.23 1.88 -5.29
O1A GDP G . -17.32 1.14 -4.34
O2A GDP G . -18.52 1.08 -6.53
O5' GDP G . -17.61 3.30 -5.71
C5' GDP G . -18.09 3.95 -6.89
C4' GDP G . -17.14 5.07 -7.23
O4' GDP G . -17.05 5.98 -6.12
C3' GDP G . -15.74 4.50 -7.47
O3' GDP G . -15.12 5.09 -8.62
C2' GDP G . -14.93 4.93 -6.28
O2' GDP G . -13.59 5.24 -6.66
C1' GDP G . -15.65 6.15 -5.78
N9 GDP G . -15.44 6.21 -4.33
C8 GDP G . -15.73 5.24 -3.43
N7 GDP G . -15.40 5.67 -2.18
C5 GDP G . -14.91 6.92 -2.31
C6 GDP G . -14.38 7.96 -1.40
O6 GDP G . -14.30 7.77 -0.17
N1 GDP G . -13.96 9.11 -1.94
C2 GDP G . -14.02 9.36 -3.25
N2 GDP G . -13.61 10.56 -3.71
N3 GDP G . -14.49 8.45 -4.13
C4 GDP G . -14.93 7.26 -3.72
MG MG H . -20.67 -2.01 -4.73
#